data_4XP4
#
_entry.id   4XP4
#
_cell.length_a   97.063
_cell.length_b   140.727
_cell.length_c   166.688
_cell.angle_alpha   90.00
_cell.angle_beta   90.00
_cell.angle_gamma   90.00
#
_symmetry.space_group_name_H-M   'P 21 21 21'
#
loop_
_entity.id
_entity.type
_entity.pdbx_description
1 polymer 'Dopamine transporter'
2 polymer 'ANTIBODY FRAGMENT HEAVY CHAIN-PROTEIN, 9D5-HEAVY CHAIN'
3 polymer 'ANTIBODY FRAGMENT HEAVY CHAIN-PROTEIN, 9D5-LIGHT CHAIN'
4 branched alpha-D-glucopyranose-(1-4)-alpha-D-glucopyranose
5 non-polymer 'CHOLESTEROL HEMISUCCINATE'
6 non-polymer 1-ETHOXY-2-(2-ETHOXYETHOXY)ETHANE
7 non-polymer CHOLESTEROL
8 non-polymer COCAINE
9 non-polymer 'SODIUM ION'
10 non-polymer 'CHLORIDE ION'
11 water water
#
loop_
_entity_poly.entity_id
_entity_poly.type
_entity_poly.pdbx_seq_one_letter_code
_entity_poly.pdbx_strand_id
1 'polypeptide(L)'
;MNSISDERETWSGKVDFLLSVIGFAVDLANVWRFPYLCYKNGGGAFLVPYGIMLAVGGIPLFYMELALGQHNRKGAITCW
GRLVPLFKGIGYAVVLIAFYVDFYYNVIIAWSLRFFFASFTNSLPWTSCNNIWNTPNCRPFEGHVEGFQSAASEYFNRYI
LELNRSEGIHDLGAIKWDMALCLLIVYLICYFSLWKGISTSGKVVWFTALFPYAVLLILLIRGLTLPGSFLGIQYYLTPN
FSAIYKAEVWVDAATQVFFSLGPGFGVLLAYASYNKYHNNVYKDALLTSFINSATSFIAGFVIFSVLGYMAHTLGVRIED
VATEGPGLVFVVYPAAIATMPASTFWALIFFMMLATLGLDSSFGGSEAIITALSDEFPKIKRNRELFVAGLFSLYFVVGL
ASCTQGGFYFFHLLDRYAAGYSILVAVFFEAIAVSWIYGTNRFSEDIRDMIGFPPGRYWQVCWRFVAPIFLLFITVYGLI
GYEPLTYADYVYPSWANALGWCIAGSSVVMIPAVAIFKLLSTPGSLRQRFTILTTPWRDQQLVPR
;
A
2 'polypeptide(L)'
;MDFQVQIFSFLLISASVAMSRGENVLTQSPAIMSTSPGEKVTMTCRASSSVGSSYLHWYQQKSGASPKLWIYSTSNLASG
VPARFSGSGSGTSYSLTISSVEAEDAATYYCQQFSGYPLTFGSGTKLEMKRADAAPTVSIFPPSSEQLTSGGASVVCFLN
NFYPKDINVKWKIDGSERQNGVLNSWTDQDSKDSTYSMSSTLTLTKDEYERHNSYTCEATHKTSTSPIVKSFNRNEC
;
L
3 'polypeptide(L)'
;MNFGLRLVFLVLILKGVQCEVQLVESGGGLVKPGGSLKLSCAASGFTFSSYAMSWVRQSPEKRLEWVAEISSGGRYIYYS
DTVTGRFTISRDNARNILHLEMSSLRSEDTAMYYCARGEVRQRGFDYWGQGTTLTVSSAKTTAPSVYPLAPVCGDTTGSS
VTLGCLVKGYFPEPVTLTWNSGSLSSGVHTFPAVLQSDLYTLSSSVTVTSSTWPSQSITCNVAHPASSTKVDKKIEPRGP
;
H
#
loop_
_chem_comp.id
_chem_comp.type
_chem_comp.name
_chem_comp.formula
CL non-polymer 'CHLORIDE ION' 'Cl -1'
CLR non-polymer CHOLESTEROL 'C27 H46 O'
COC non-polymer COCAINE 'C17 H21 N O4'
GLC D-saccharide, alpha linking alpha-D-glucopyranose 'C6 H12 O6'
NA non-polymer 'SODIUM ION' 'Na 1'
P4G non-polymer 1-ETHOXY-2-(2-ETHOXYETHOXY)ETHANE 'C8 H18 O3'
Y01 non-polymer 'CHOLESTEROL HEMISUCCINATE' 'C31 H50 O4'
#
# COMPACT_ATOMS: atom_id res chain seq x y z
N ASP A 6 0.50 19.41 6.23
CA ASP A 6 0.45 20.81 6.62
C ASP A 6 1.37 21.66 5.74
N GLU A 7 0.79 22.39 4.80
CA GLU A 7 -0.63 22.28 4.50
C GLU A 7 -0.88 22.39 3.00
N ARG A 8 -1.67 21.48 2.46
CA ARG A 8 -1.91 21.47 1.02
C ARG A 8 -3.38 21.26 0.68
N GLU A 9 -3.84 22.00 -0.32
CA GLU A 9 -5.16 21.79 -0.89
C GLU A 9 -5.23 20.36 -1.43
N THR A 10 -6.41 19.77 -1.40
CA THR A 10 -6.58 18.40 -1.86
C THR A 10 -7.68 18.33 -2.89
N TRP A 11 -7.75 17.20 -3.58
CA TRP A 11 -8.77 17.01 -4.60
C TRP A 11 -10.14 17.06 -3.94
N SER A 12 -11.14 17.31 -4.77
CA SER A 12 -12.52 17.56 -4.34
C SER A 12 -13.17 16.20 -4.17
N GLY A 13 -12.32 15.17 -4.20
CA GLY A 13 -12.69 13.77 -4.31
C GLY A 13 -12.20 13.15 -5.61
N LYS A 14 -12.05 11.83 -5.55
CA LYS A 14 -11.08 11.09 -6.37
C LYS A 14 -11.35 11.10 -7.87
N VAL A 15 -12.62 11.11 -8.26
CA VAL A 15 -12.96 11.15 -9.68
C VAL A 15 -12.28 12.32 -10.37
N ASP A 16 -12.21 13.45 -9.66
CA ASP A 16 -11.55 14.64 -10.18
C ASP A 16 -10.10 14.36 -10.55
N PHE A 17 -9.38 13.73 -9.64
CA PHE A 17 -7.99 13.36 -9.92
C PHE A 17 -7.89 12.45 -11.13
N LEU A 18 -8.64 11.35 -11.09
CA LEU A 18 -8.61 10.37 -12.17
C LEU A 18 -8.91 10.99 -13.52
N LEU A 19 -10.02 11.73 -13.59
CA LEU A 19 -10.41 12.37 -14.84
C LEU A 19 -9.40 13.44 -15.25
N SER A 20 -8.70 14.00 -14.27
CA SER A 20 -7.64 14.95 -14.54
C SER A 20 -6.47 14.24 -15.21
N VAL A 21 -6.17 13.03 -14.73
CA VAL A 21 -5.06 12.26 -15.27
C VAL A 21 -5.44 11.63 -16.60
N ILE A 22 -6.67 11.11 -16.67
CA ILE A 22 -7.19 10.55 -17.91
C ILE A 22 -7.20 11.64 -18.98
N GLY A 23 -7.78 12.78 -18.63
CA GLY A 23 -7.88 13.91 -19.54
C GLY A 23 -6.54 14.38 -20.03
N PHE A 24 -5.55 14.40 -19.14
CA PHE A 24 -4.20 14.80 -19.52
C PHE A 24 -3.60 13.80 -20.50
N ALA A 25 -3.61 12.53 -20.12
CA ALA A 25 -2.95 11.49 -20.92
C ALA A 25 -3.67 11.24 -22.24
N VAL A 26 -4.99 11.40 -22.24
CA VAL A 26 -5.77 11.13 -23.44
C VAL A 26 -5.96 12.40 -24.27
N ASP A 27 -5.33 12.41 -25.42
CA ASP A 27 -5.37 13.58 -26.30
C ASP A 27 -5.37 13.13 -27.75
N LEU A 28 -5.17 14.08 -28.66
CA LEU A 28 -5.18 13.81 -30.09
C LEU A 28 -4.25 12.66 -30.46
N ALA A 29 -3.23 12.44 -29.65
CA ALA A 29 -2.26 11.38 -29.88
C ALA A 29 -2.84 9.96 -29.75
N ASN A 30 -4.03 9.83 -29.16
CA ASN A 30 -4.68 8.53 -29.08
C ASN A 30 -5.48 8.22 -30.35
N VAL A 31 -5.77 9.27 -31.10
CA VAL A 31 -6.51 9.17 -32.31
C VAL A 31 -5.59 9.18 -33.49
N TRP A 32 -4.60 10.05 -33.44
CA TRP A 32 -3.81 10.28 -34.64
C TRP A 32 -2.45 9.68 -34.79
N ARG A 33 -1.99 8.87 -33.84
CA ARG A 33 -0.80 8.08 -34.10
C ARG A 33 -0.96 6.59 -33.93
N PHE A 34 -1.67 6.21 -32.91
CA PHE A 34 -1.77 4.79 -32.51
C PHE A 34 -2.39 3.89 -33.57
N PRO A 35 -3.63 4.20 -34.00
CA PRO A 35 -4.27 3.46 -35.08
C PRO A 35 -3.37 3.36 -36.31
N TYR A 36 -2.69 4.45 -36.65
CA TYR A 36 -1.77 4.45 -37.78
C TYR A 36 -0.65 3.43 -37.56
N LEU A 37 -0.08 3.41 -36.36
CA LEU A 37 1.01 2.50 -36.06
C LEU A 37 0.56 1.05 -36.15
N CYS A 38 -0.66 0.77 -35.72
CA CYS A 38 -1.22 -0.58 -35.85
C CYS A 38 -1.26 -1.00 -37.32
N TYR A 39 -1.82 -0.12 -38.14
CA TYR A 39 -1.91 -0.33 -39.58
C TYR A 39 -0.53 -0.58 -40.21
N LYS A 40 0.44 0.26 -39.85
CA LYS A 40 1.77 0.23 -40.44
C LYS A 40 2.62 -0.96 -39.97
N ASN A 41 2.42 -1.32 -38.71
CA ASN A 41 3.27 -2.29 -38.00
C ASN A 41 2.77 -3.73 -38.07
N GLY A 42 1.76 -3.98 -38.91
CA GLY A 42 1.15 -5.30 -39.02
C GLY A 42 0.05 -5.63 -38.03
N GLY A 43 -0.77 -4.63 -37.73
CA GLY A 43 -2.06 -4.85 -37.11
C GLY A 43 -2.01 -5.36 -35.69
N GLY A 44 -2.92 -6.28 -35.37
CA GLY A 44 -3.06 -6.81 -34.03
C GLY A 44 -1.75 -7.34 -33.48
N ALA A 45 -0.85 -7.72 -34.40
CA ALA A 45 0.48 -8.18 -34.01
C ALA A 45 1.27 -7.08 -33.32
N PHE A 46 1.03 -5.83 -33.71
CA PHE A 46 1.71 -4.69 -33.11
C PHE A 46 1.44 -4.60 -31.62
N LEU A 47 0.33 -5.21 -31.20
CA LEU A 47 -0.06 -5.16 -29.79
C LEU A 47 0.93 -5.90 -28.88
N VAL A 48 1.60 -6.91 -29.43
CA VAL A 48 2.56 -7.68 -28.64
C VAL A 48 3.73 -6.80 -28.16
N PRO A 49 4.45 -6.16 -29.10
CA PRO A 49 5.52 -5.25 -28.69
C PRO A 49 4.97 -4.06 -27.93
N TYR A 50 3.82 -3.58 -28.35
CA TYR A 50 3.13 -2.47 -27.69
C TYR A 50 2.87 -2.79 -26.21
N GLY A 51 2.28 -3.95 -25.96
CA GLY A 51 1.96 -4.36 -24.61
C GLY A 51 3.18 -4.61 -23.75
N ILE A 52 4.18 -5.29 -24.32
CA ILE A 52 5.41 -5.55 -23.60
C ILE A 52 6.10 -4.25 -23.22
N MET A 53 6.28 -3.37 -24.20
CA MET A 53 6.85 -2.05 -23.96
C MET A 53 6.03 -1.27 -22.93
N LEU A 54 4.72 -1.41 -23.01
CA LEU A 54 3.82 -0.74 -22.08
C LEU A 54 4.02 -1.24 -20.65
N ALA A 55 4.19 -2.55 -20.51
CA ALA A 55 4.34 -3.17 -19.20
C ALA A 55 5.71 -2.90 -18.57
N VAL A 56 6.79 -3.19 -19.30
CA VAL A 56 8.13 -2.99 -18.75
C VAL A 56 8.56 -1.52 -18.69
N GLY A 57 8.54 -0.82 -19.83
CA GLY A 57 8.87 0.59 -19.86
C GLY A 57 7.86 1.65 -19.46
N GLY A 58 6.67 1.58 -20.03
CA GLY A 58 5.71 2.66 -19.95
C GLY A 58 5.01 2.91 -18.62
N ILE A 59 4.36 1.87 -18.11
CA ILE A 59 3.59 1.99 -16.87
C ILE A 59 4.47 2.23 -15.64
N PRO A 60 5.58 1.48 -15.54
CA PRO A 60 6.52 1.70 -14.43
C PRO A 60 6.96 3.16 -14.30
N LEU A 61 7.19 3.84 -15.42
CA LEU A 61 7.57 5.25 -15.38
C LEU A 61 6.36 6.11 -15.04
N PHE A 62 5.21 5.74 -15.59
CA PHE A 62 3.95 6.42 -15.32
C PHE A 62 3.59 6.28 -13.85
N TYR A 63 3.75 5.07 -13.35
CA TYR A 63 3.56 4.74 -11.93
C TYR A 63 4.49 5.57 -11.05
N MET A 64 5.74 5.70 -11.48
CA MET A 64 6.78 6.35 -10.69
C MET A 64 6.44 7.80 -10.34
N GLU A 65 6.15 8.61 -11.35
CA GLU A 65 5.84 10.02 -11.11
C GLU A 65 4.64 10.19 -10.19
N LEU A 66 3.61 9.38 -10.42
CA LEU A 66 2.37 9.48 -9.65
C LEU A 66 2.62 9.21 -8.17
N ALA A 67 3.40 8.18 -7.87
CA ALA A 67 3.75 7.86 -6.50
C ALA A 67 4.64 8.96 -5.92
N LEU A 68 5.62 9.37 -6.73
CA LEU A 68 6.57 10.39 -6.32
C LEU A 68 5.86 11.71 -6.03
N GLY A 69 4.88 12.06 -6.86
CA GLY A 69 4.13 13.28 -6.70
C GLY A 69 3.28 13.31 -5.44
N GLN A 70 2.55 12.22 -5.21
CA GLN A 70 1.69 12.11 -4.04
C GLN A 70 2.47 12.02 -2.73
N HIS A 71 3.62 11.36 -2.78
CA HIS A 71 4.44 11.17 -1.59
C HIS A 71 5.08 12.46 -1.08
N ASN A 72 5.78 13.16 -1.97
CA ASN A 72 6.52 14.35 -1.58
C ASN A 72 5.64 15.59 -1.46
N ARG A 73 4.39 15.45 -1.92
CA ARG A 73 3.35 16.43 -1.61
C ARG A 73 3.67 17.84 -2.12
N LYS A 74 4.47 17.93 -3.18
CA LYS A 74 4.91 19.22 -3.69
C LYS A 74 5.02 19.21 -5.21
N GLY A 75 5.10 20.40 -5.80
CA GLY A 75 5.25 20.54 -7.23
C GLY A 75 6.59 20.03 -7.71
N ALA A 76 6.80 20.04 -9.03
CA ALA A 76 7.95 19.39 -9.65
C ALA A 76 9.31 19.88 -9.13
N ILE A 77 9.48 21.20 -9.03
CA ILE A 77 10.76 21.78 -8.63
C ILE A 77 11.11 21.44 -7.17
N THR A 78 10.21 21.77 -6.26
CA THR A 78 10.43 21.51 -4.85
C THR A 78 10.50 20.02 -4.56
N CYS A 79 9.81 19.23 -5.39
CA CYS A 79 9.75 17.78 -5.21
C CYS A 79 11.10 17.14 -5.43
N TRP A 80 11.80 17.54 -6.49
CA TRP A 80 13.12 17.01 -6.76
C TRP A 80 14.14 17.69 -5.86
N GLY A 81 13.83 18.92 -5.45
CA GLY A 81 14.64 19.63 -4.48
C GLY A 81 14.68 18.87 -3.17
N ARG A 82 13.52 18.39 -2.74
CA ARG A 82 13.39 17.68 -1.47
C ARG A 82 13.77 16.21 -1.60
N LEU A 83 13.92 15.74 -2.83
CA LEU A 83 14.26 14.33 -3.05
C LEU A 83 15.77 14.19 -3.22
N VAL A 84 16.31 14.77 -4.28
CA VAL A 84 17.75 14.81 -4.52
C VAL A 84 18.17 16.23 -4.88
N PRO A 85 18.52 17.03 -3.87
CA PRO A 85 18.85 18.46 -4.04
C PRO A 85 19.83 18.72 -5.17
N LEU A 86 20.79 17.81 -5.36
CA LEU A 86 21.76 17.93 -6.44
C LEU A 86 21.08 17.97 -7.80
N PHE A 87 20.06 17.13 -7.95
CA PHE A 87 19.34 16.96 -9.21
C PHE A 87 18.09 17.84 -9.33
N LYS A 88 17.92 18.77 -8.40
CA LYS A 88 16.74 19.65 -8.37
C LYS A 88 16.51 20.33 -9.71
N GLY A 89 17.57 20.45 -10.52
CA GLY A 89 17.45 20.95 -11.87
C GLY A 89 16.45 20.19 -12.73
N ILE A 90 16.29 18.91 -12.44
CA ILE A 90 15.32 18.07 -13.15
C ILE A 90 13.93 18.67 -13.05
N GLY A 91 13.62 19.26 -11.90
CA GLY A 91 12.35 19.92 -11.70
C GLY A 91 12.25 21.14 -12.59
N TYR A 92 13.32 21.91 -12.64
CA TYR A 92 13.36 23.11 -13.47
C TYR A 92 13.23 22.77 -14.96
N ALA A 93 13.96 21.74 -15.39
CA ALA A 93 13.93 21.30 -16.78
C ALA A 93 12.52 20.89 -17.18
N VAL A 94 11.97 19.94 -16.43
CA VAL A 94 10.63 19.41 -16.67
C VAL A 94 9.57 20.50 -16.76
N VAL A 95 9.72 21.54 -15.94
CA VAL A 95 8.72 22.60 -15.85
C VAL A 95 8.72 23.52 -17.07
N LEU A 96 9.91 23.86 -17.57
CA LEU A 96 9.99 24.76 -18.71
C LEU A 96 9.94 24.00 -20.04
N ILE A 97 10.02 22.68 -19.98
CA ILE A 97 9.66 21.87 -21.14
C ILE A 97 8.16 22.04 -21.38
N ALA A 98 7.39 21.84 -20.31
CA ALA A 98 5.95 22.08 -20.34
C ALA A 98 5.67 23.54 -20.68
N PHE A 99 6.58 24.41 -20.27
CA PHE A 99 6.45 25.84 -20.53
C PHE A 99 6.54 26.15 -22.02
N TYR A 100 7.49 25.52 -22.69
CA TYR A 100 7.63 25.68 -24.14
C TYR A 100 6.42 25.11 -24.88
N VAL A 101 6.00 23.93 -24.45
CA VAL A 101 5.03 23.13 -25.20
C VAL A 101 3.70 23.81 -25.47
N ASP A 102 3.22 24.64 -24.55
CA ASP A 102 1.91 25.25 -24.76
C ASP A 102 2.02 26.59 -25.50
N PHE A 103 3.23 26.91 -25.96
CA PHE A 103 3.41 27.97 -26.95
C PHE A 103 2.91 27.52 -28.33
N TYR A 104 2.78 26.21 -28.50
CA TYR A 104 2.38 25.62 -29.78
C TYR A 104 1.12 24.77 -29.60
N TYR A 105 1.18 23.77 -28.73
CA TYR A 105 0.15 22.75 -28.58
C TYR A 105 -1.29 23.29 -28.60
N ASN A 106 -1.51 24.45 -27.98
CA ASN A 106 -2.85 25.03 -27.95
C ASN A 106 -3.35 25.49 -29.33
N VAL A 107 -2.47 25.55 -30.31
CA VAL A 107 -2.86 25.92 -31.67
C VAL A 107 -3.71 24.82 -32.30
N ILE A 108 -3.48 23.58 -31.87
CA ILE A 108 -4.25 22.45 -32.37
C ILE A 108 -5.70 22.60 -31.92
N ILE A 109 -5.89 23.05 -30.69
CA ILE A 109 -7.22 23.25 -30.14
C ILE A 109 -7.94 24.37 -30.90
N ALA A 110 -7.22 25.45 -31.17
CA ALA A 110 -7.78 26.56 -31.93
C ALA A 110 -8.19 26.12 -33.32
N TRP A 111 -7.34 25.32 -33.96
CA TRP A 111 -7.68 24.73 -35.26
C TRP A 111 -8.97 23.95 -35.15
N SER A 112 -9.10 23.20 -34.06
CA SER A 112 -10.30 22.42 -33.79
C SER A 112 -11.50 23.33 -33.64
N LEU A 113 -11.32 24.42 -32.90
CA LEU A 113 -12.38 25.39 -32.69
C LEU A 113 -12.71 26.14 -33.98
N ARG A 114 -11.71 26.32 -34.83
CA ARG A 114 -11.89 27.04 -36.09
C ARG A 114 -12.72 26.24 -37.09
N PHE A 115 -12.49 24.92 -37.12
CA PHE A 115 -13.31 24.03 -37.94
C PHE A 115 -14.71 23.90 -37.36
N PHE A 116 -14.79 23.98 -36.03
CA PHE A 116 -16.06 23.86 -35.33
C PHE A 116 -17.06 24.94 -35.77
N PHE A 117 -16.64 26.19 -35.71
CA PHE A 117 -17.51 27.28 -36.10
C PHE A 117 -17.64 27.38 -37.62
N ALA A 118 -16.65 26.85 -38.33
CA ALA A 118 -16.70 26.83 -39.78
C ALA A 118 -17.69 25.76 -40.23
N SER A 119 -18.05 24.89 -39.30
CA SER A 119 -18.89 23.73 -39.60
C SER A 119 -20.38 23.98 -39.36
N PHE A 120 -20.75 25.22 -39.02
CA PHE A 120 -22.16 25.52 -38.77
C PHE A 120 -22.88 25.83 -40.07
N THR A 121 -22.94 24.84 -40.96
CA THR A 121 -23.68 24.95 -42.21
C THR A 121 -24.07 23.58 -42.74
N ASN A 122 -25.11 23.55 -43.56
CA ASN A 122 -25.48 22.32 -44.25
C ASN A 122 -24.39 21.89 -45.23
N SER A 123 -23.81 22.89 -45.90
CA SER A 123 -22.81 22.67 -46.93
C SER A 123 -21.43 22.94 -46.35
N LEU A 124 -20.66 21.87 -46.15
CA LEU A 124 -19.34 21.97 -45.58
C LEU A 124 -18.34 22.41 -46.65
N PRO A 125 -17.62 23.50 -46.39
CA PRO A 125 -16.76 24.17 -47.38
C PRO A 125 -15.67 23.29 -47.97
N TRP A 126 -15.24 22.26 -47.25
CA TRP A 126 -14.04 21.52 -47.63
C TRP A 126 -14.34 20.35 -48.57
N THR A 127 -15.59 20.22 -48.99
CA THR A 127 -15.96 19.13 -49.89
C THR A 127 -15.78 19.46 -51.37
N SER A 128 -15.58 20.75 -51.68
CA SER A 128 -15.62 21.20 -53.07
C SER A 128 -14.29 21.75 -53.60
N CYS A 129 -14.04 21.51 -54.88
CA CYS A 129 -12.84 22.00 -55.55
C CYS A 129 -13.04 23.29 -56.35
N ASN A 130 -14.27 23.81 -56.37
CA ASN A 130 -14.59 25.01 -57.15
C ASN A 130 -14.53 26.32 -56.35
N ASN A 131 -14.07 26.27 -55.11
CA ASN A 131 -14.03 27.47 -54.30
C ASN A 131 -12.92 28.46 -54.69
N ILE A 132 -12.90 29.59 -53.99
CA ILE A 132 -11.98 30.69 -54.28
C ILE A 132 -10.52 30.35 -53.96
N TRP A 133 -10.32 29.52 -52.95
CA TRP A 133 -8.98 29.16 -52.47
C TRP A 133 -8.40 27.97 -53.22
N ASN A 134 -9.21 27.35 -54.08
CA ASN A 134 -8.79 26.15 -54.78
C ASN A 134 -7.81 26.41 -55.93
N THR A 135 -7.09 25.36 -56.31
CA THR A 135 -6.17 25.40 -57.44
C THR A 135 -6.58 24.33 -58.46
N PRO A 136 -6.14 24.47 -59.72
CA PRO A 136 -6.51 23.55 -60.79
C PRO A 136 -6.14 22.09 -60.50
N ASN A 137 -5.25 21.87 -59.54
CA ASN A 137 -4.76 20.55 -59.21
C ASN A 137 -5.61 19.84 -58.15
N CYS A 138 -6.71 20.46 -57.74
CA CYS A 138 -7.48 19.95 -56.62
C CYS A 138 -8.30 18.71 -56.98
N ARG A 139 -8.04 17.61 -56.28
CA ARG A 139 -8.83 16.39 -56.39
C ARG A 139 -9.98 16.43 -55.40
N PRO A 140 -11.04 15.65 -55.66
CA PRO A 140 -12.12 15.50 -54.68
C PRO A 140 -11.67 14.74 -53.43
N PHE A 141 -10.69 13.83 -53.56
CA PHE A 141 -10.20 13.08 -52.40
C PHE A 141 -8.70 12.77 -52.47
N GLU A 142 -8.20 12.09 -51.45
CA GLU A 142 -6.76 11.86 -51.30
C GLU A 142 -6.15 11.05 -52.45
N GLY A 143 -4.97 11.47 -52.89
CA GLY A 143 -4.24 10.75 -53.92
C GLY A 143 -2.78 10.52 -53.55
N HIS A 144 -2.04 9.85 -54.44
CA HIS A 144 -0.62 9.57 -54.23
C HIS A 144 0.27 10.77 -54.57
N VAL A 145 -0.03 11.44 -55.67
CA VAL A 145 0.83 12.49 -56.21
C VAL A 145 0.90 13.73 -55.33
N GLU A 146 2.12 14.22 -55.14
CA GLU A 146 2.39 15.36 -54.26
C GLU A 146 1.68 16.62 -54.72
N GLY A 147 1.86 16.95 -56.00
CA GLY A 147 1.37 18.20 -56.54
C GLY A 147 -0.14 18.35 -56.62
N PHE A 148 -0.87 17.25 -56.47
CA PHE A 148 -2.32 17.35 -56.51
C PHE A 148 -2.94 17.01 -55.16
N GLN A 149 -3.39 18.06 -54.46
CA GLN A 149 -4.04 17.92 -53.17
C GLN A 149 -5.53 17.60 -53.29
N SER A 150 -6.07 16.97 -52.25
CA SER A 150 -7.51 16.74 -52.18
C SER A 150 -8.23 18.05 -51.88
N ALA A 151 -9.55 18.01 -51.82
CA ALA A 151 -10.31 19.21 -51.51
C ALA A 151 -10.13 19.60 -50.04
N ALA A 152 -10.22 18.60 -49.16
CA ALA A 152 -10.09 18.84 -47.72
C ALA A 152 -8.70 19.37 -47.37
N SER A 153 -7.70 18.98 -48.15
CA SER A 153 -6.34 19.44 -47.91
C SER A 153 -6.20 20.92 -48.25
N GLU A 154 -6.78 21.33 -49.37
CA GLU A 154 -6.66 22.71 -49.81
C GLU A 154 -7.47 23.66 -48.95
N TYR A 155 -8.60 23.20 -48.42
CA TYR A 155 -9.36 24.01 -47.48
C TYR A 155 -8.49 24.29 -46.26
N PHE A 156 -7.84 23.23 -45.76
CA PHE A 156 -6.99 23.37 -44.59
C PHE A 156 -5.82 24.30 -44.84
N ASN A 157 -5.03 24.00 -45.87
CA ASN A 157 -3.83 24.78 -46.16
C ASN A 157 -4.12 26.15 -46.78
N ARG A 158 -4.95 26.18 -47.81
CA ARG A 158 -5.17 27.42 -48.55
C ARG A 158 -6.22 28.35 -47.96
N TYR A 159 -7.07 27.85 -47.08
CA TYR A 159 -8.11 28.71 -46.49
C TYR A 159 -7.89 28.93 -44.99
N ILE A 160 -7.99 27.87 -44.21
CA ILE A 160 -7.78 27.95 -42.77
C ILE A 160 -6.39 28.47 -42.42
N LEU A 161 -5.37 27.77 -42.90
CA LEU A 161 -3.99 28.08 -42.58
C LEU A 161 -3.40 29.23 -43.42
N GLU A 162 -3.71 29.23 -44.72
CA GLU A 162 -3.06 30.14 -45.66
C GLU A 162 -1.56 29.89 -45.69
N LEU A 163 -1.17 28.64 -45.49
CA LEU A 163 0.23 28.25 -45.47
C LEU A 163 0.87 28.43 -46.84
N ASN A 164 0.05 28.61 -47.86
CA ASN A 164 0.56 28.83 -49.23
C ASN A 164 1.20 30.21 -49.37
N ARG A 165 0.81 31.13 -48.49
CA ARG A 165 1.34 32.49 -48.52
C ARG A 165 2.78 32.53 -48.01
N SER A 166 3.15 31.53 -47.21
CA SER A 166 4.45 31.52 -46.54
C SER A 166 5.50 30.71 -47.28
N GLU A 167 6.69 31.27 -47.41
CA GLU A 167 7.81 30.62 -48.11
C GLU A 167 8.75 29.88 -47.16
N GLY A 168 8.42 29.88 -45.88
CA GLY A 168 9.25 29.23 -44.87
C GLY A 168 9.03 29.83 -43.50
N ILE A 169 9.85 29.46 -42.53
CA ILE A 169 9.72 29.99 -41.18
C ILE A 169 10.21 31.43 -41.10
N HIS A 170 11.03 31.82 -42.08
CA HIS A 170 11.52 33.19 -42.16
C HIS A 170 10.42 34.15 -42.57
N ASP A 171 9.50 33.67 -43.40
CA ASP A 171 8.33 34.48 -43.73
C ASP A 171 7.09 33.89 -43.06
N LEU A 172 6.65 34.53 -41.98
CA LEU A 172 5.44 34.12 -41.28
C LEU A 172 4.21 34.70 -41.95
N GLY A 173 4.38 35.86 -42.58
CA GLY A 173 3.30 36.52 -43.27
C GLY A 173 2.34 37.22 -42.34
N ALA A 174 1.13 37.48 -42.83
CA ALA A 174 0.13 38.21 -42.05
C ALA A 174 -0.40 37.39 -40.88
N ILE A 175 -0.90 38.08 -39.88
CA ILE A 175 -1.59 37.43 -38.78
C ILE A 175 -3.04 37.21 -39.15
N LYS A 176 -3.48 35.95 -39.13
CA LYS A 176 -4.88 35.67 -39.33
C LYS A 176 -5.59 35.95 -38.01
N TRP A 177 -6.51 36.89 -38.02
CA TRP A 177 -7.15 37.32 -36.78
C TRP A 177 -8.34 36.45 -36.44
N ASP A 178 -8.77 35.63 -37.39
CA ASP A 178 -9.78 34.62 -37.12
C ASP A 178 -9.13 33.52 -36.29
N MET A 179 -7.91 33.14 -36.68
CA MET A 179 -7.16 32.12 -35.97
C MET A 179 -6.74 32.62 -34.59
N ALA A 180 -6.40 33.90 -34.51
CA ALA A 180 -6.02 34.52 -33.25
C ALA A 180 -7.18 34.54 -32.26
N LEU A 181 -8.39 34.68 -32.79
CA LEU A 181 -9.58 34.70 -31.94
C LEU A 181 -9.82 33.31 -31.35
N CYS A 182 -9.46 32.28 -32.10
CA CYS A 182 -9.63 30.91 -31.63
C CYS A 182 -8.64 30.58 -30.53
N LEU A 183 -7.42 31.08 -30.66
CA LEU A 183 -6.39 30.84 -29.66
C LEU A 183 -6.77 31.50 -28.34
N LEU A 184 -7.28 32.73 -28.45
CA LEU A 184 -7.69 33.49 -27.28
C LEU A 184 -8.88 32.84 -26.58
N ILE A 185 -9.88 32.42 -27.35
CA ILE A 185 -11.02 31.69 -26.81
C ILE A 185 -10.54 30.46 -26.04
N VAL A 186 -9.48 29.84 -26.54
CA VAL A 186 -8.89 28.68 -25.90
C VAL A 186 -8.27 29.02 -24.55
N TYR A 187 -7.46 30.08 -24.52
CA TYR A 187 -6.82 30.50 -23.28
C TYR A 187 -7.84 31.03 -22.29
N LEU A 188 -8.95 31.55 -22.80
CA LEU A 188 -10.05 31.94 -21.93
C LEU A 188 -10.61 30.72 -21.23
N ILE A 189 -10.93 29.70 -22.02
CA ILE A 189 -11.44 28.44 -21.50
C ILE A 189 -10.46 27.85 -20.49
N CYS A 190 -9.17 27.95 -20.79
CA CYS A 190 -8.14 27.45 -19.91
C CYS A 190 -8.11 28.24 -18.61
N TYR A 191 -8.17 29.55 -18.72
CA TYR A 191 -8.07 30.44 -17.57
C TYR A 191 -9.13 30.13 -16.51
N PHE A 192 -10.39 30.31 -16.86
CA PHE A 192 -11.49 30.09 -15.91
C PHE A 192 -11.61 28.62 -15.50
N SER A 193 -10.84 27.77 -16.15
CA SER A 193 -10.66 26.38 -15.74
C SER A 193 -9.64 26.30 -14.61
N LEU A 194 -8.42 26.75 -14.88
CA LEU A 194 -7.30 26.73 -13.95
C LEU A 194 -7.40 27.92 -13.01
N TRP A 195 -8.50 28.64 -13.16
CA TRP A 195 -8.88 29.84 -12.41
C TRP A 195 -8.61 29.75 -10.91
N LYS A 196 -9.39 28.90 -10.22
CA LYS A 196 -9.28 28.76 -8.77
C LYS A 196 -8.41 27.59 -8.32
N GLY A 197 -7.84 26.86 -9.27
CA GLY A 197 -7.07 25.67 -8.95
C GLY A 197 -7.90 24.41 -9.11
N ILE A 198 -7.42 23.31 -8.52
CA ILE A 198 -8.00 21.99 -8.76
C ILE A 198 -9.45 21.87 -8.28
N SER A 199 -9.88 22.78 -7.41
CA SER A 199 -11.25 22.78 -6.91
C SER A 199 -12.24 23.06 -8.04
N THR A 200 -11.75 23.74 -9.08
CA THR A 200 -12.51 24.03 -10.29
C THR A 200 -12.02 23.09 -11.40
N SER A 201 -10.72 23.20 -11.69
CA SER A 201 -10.08 22.38 -12.71
C SER A 201 -10.45 20.90 -12.59
N GLY A 202 -10.55 20.42 -11.36
CA GLY A 202 -11.00 19.07 -11.12
C GLY A 202 -12.44 18.85 -11.53
N LYS A 203 -13.22 19.93 -11.53
CA LYS A 203 -14.62 19.87 -11.95
C LYS A 203 -14.76 19.87 -13.47
N VAL A 204 -14.03 20.76 -14.12
CA VAL A 204 -14.17 20.98 -15.56
C VAL A 204 -13.74 19.75 -16.37
N VAL A 205 -12.80 18.98 -15.83
CA VAL A 205 -12.30 17.81 -16.53
C VAL A 205 -13.40 16.76 -16.69
N TRP A 206 -14.46 16.88 -15.88
CA TRP A 206 -15.61 16.00 -15.99
C TRP A 206 -16.19 16.06 -17.40
N PHE A 207 -16.33 17.27 -17.93
CA PHE A 207 -16.79 17.45 -19.30
C PHE A 207 -15.72 17.09 -20.33
N THR A 208 -14.53 17.66 -20.17
CA THR A 208 -13.48 17.54 -21.18
C THR A 208 -12.94 16.11 -21.30
N ALA A 209 -12.88 15.40 -20.19
CA ALA A 209 -12.40 14.01 -20.20
C ALA A 209 -13.47 13.04 -20.68
N LEU A 210 -14.71 13.27 -20.25
CA LEU A 210 -15.81 12.36 -20.55
C LEU A 210 -16.41 12.57 -21.95
N PHE A 211 -16.55 13.82 -22.36
CA PHE A 211 -17.19 14.16 -23.63
C PHE A 211 -16.63 13.40 -24.83
N PRO A 212 -15.29 13.29 -24.92
CA PRO A 212 -14.65 12.56 -26.02
C PRO A 212 -15.18 11.14 -26.17
N TYR A 213 -15.56 10.52 -25.05
CA TYR A 213 -16.04 9.14 -25.08
C TYR A 213 -17.48 9.08 -25.57
N ALA A 214 -18.25 10.11 -25.26
CA ALA A 214 -19.61 10.21 -25.79
C ALA A 214 -19.59 10.27 -27.32
N VAL A 215 -18.72 11.13 -27.84
CA VAL A 215 -18.57 11.30 -29.28
C VAL A 215 -17.88 10.09 -29.93
N LEU A 216 -16.93 9.50 -29.22
CA LEU A 216 -16.26 8.29 -29.73
C LEU A 216 -17.28 7.17 -29.94
N LEU A 217 -18.24 7.07 -29.03
CA LEU A 217 -19.27 6.05 -29.12
C LEU A 217 -20.16 6.29 -30.34
N ILE A 218 -20.60 7.54 -30.51
CA ILE A 218 -21.44 7.90 -31.64
C ILE A 218 -20.75 7.63 -32.97
N LEU A 219 -19.48 8.04 -33.07
CA LEU A 219 -18.73 7.85 -34.30
C LEU A 219 -18.33 6.40 -34.49
N LEU A 220 -18.22 5.67 -33.38
CA LEU A 220 -17.95 4.24 -33.45
C LEU A 220 -19.13 3.51 -34.07
N ILE A 221 -20.33 3.87 -33.62
CA ILE A 221 -21.56 3.27 -34.12
C ILE A 221 -21.85 3.70 -35.56
N ARG A 222 -21.68 4.99 -35.84
CA ARG A 222 -21.93 5.50 -37.18
C ARG A 222 -21.00 4.85 -38.19
N GLY A 223 -19.70 4.86 -37.89
CA GLY A 223 -18.71 4.30 -38.78
C GLY A 223 -18.90 2.83 -39.11
N LEU A 224 -19.20 2.03 -38.09
CA LEU A 224 -19.35 0.59 -38.26
C LEU A 224 -20.61 0.24 -39.05
N THR A 225 -21.53 1.19 -39.14
CA THR A 225 -22.74 1.00 -39.93
C THR A 225 -22.55 1.48 -41.37
N LEU A 226 -21.37 2.02 -41.67
CA LEU A 226 -21.02 2.45 -43.02
C LEU A 226 -20.60 1.27 -43.88
N PRO A 227 -20.95 1.29 -45.16
CA PRO A 227 -20.45 0.26 -46.08
C PRO A 227 -18.93 0.32 -46.17
N GLY A 228 -18.28 -0.83 -46.06
CA GLY A 228 -16.83 -0.89 -46.15
C GLY A 228 -16.16 -0.83 -44.80
N SER A 229 -16.94 -0.54 -43.75
CA SER A 229 -16.41 -0.38 -42.40
C SER A 229 -15.61 -1.60 -41.94
N PHE A 230 -16.02 -2.79 -42.38
CA PHE A 230 -15.30 -3.99 -42.01
C PHE A 230 -13.96 -4.07 -42.76
N LEU A 231 -13.94 -3.52 -43.96
CA LEU A 231 -12.71 -3.51 -44.75
C LEU A 231 -11.65 -2.64 -44.05
N GLY A 232 -12.12 -1.59 -43.38
CA GLY A 232 -11.23 -0.72 -42.63
C GLY A 232 -10.60 -1.44 -41.46
N ILE A 233 -11.44 -2.13 -40.69
CA ILE A 233 -10.99 -2.87 -39.53
C ILE A 233 -9.95 -3.92 -39.91
N GLN A 234 -10.08 -4.47 -41.11
CA GLN A 234 -9.12 -5.46 -41.60
C GLN A 234 -7.74 -4.84 -41.78
N TYR A 235 -7.68 -3.68 -42.42
CA TYR A 235 -6.42 -2.95 -42.58
C TYR A 235 -5.86 -2.56 -41.22
N TYR A 236 -6.75 -2.17 -40.32
CA TYR A 236 -6.36 -1.80 -38.97
C TYR A 236 -5.74 -2.96 -38.18
N LEU A 237 -6.53 -4.02 -37.98
CA LEU A 237 -6.15 -5.10 -37.07
C LEU A 237 -5.58 -6.41 -37.65
N THR A 238 -5.50 -6.56 -38.97
CA THR A 238 -5.12 -7.87 -39.53
C THR A 238 -3.64 -8.14 -39.31
N PRO A 239 -3.33 -9.15 -38.48
CA PRO A 239 -1.97 -9.43 -37.99
C PRO A 239 -0.98 -9.90 -39.04
N ASN A 240 0.20 -9.27 -39.05
CA ASN A 240 1.41 -9.82 -39.63
C ASN A 240 2.44 -9.89 -38.52
N PHE A 241 2.81 -11.09 -38.10
CA PHE A 241 3.74 -11.23 -36.99
C PHE A 241 5.16 -11.10 -37.50
N SER A 242 5.29 -10.93 -38.82
CA SER A 242 6.57 -10.63 -39.45
C SER A 242 7.20 -9.38 -38.85
N ALA A 243 6.36 -8.46 -38.38
CA ALA A 243 6.82 -7.19 -37.84
C ALA A 243 7.50 -7.36 -36.49
N ILE A 244 7.04 -8.34 -35.71
CA ILE A 244 7.55 -8.58 -34.37
C ILE A 244 9.07 -8.74 -34.38
N TYR A 245 9.60 -9.24 -35.49
CA TYR A 245 11.04 -9.46 -35.63
C TYR A 245 11.76 -8.19 -36.05
N LYS A 246 11.00 -7.14 -36.35
CA LYS A 246 11.58 -5.90 -36.87
C LYS A 246 11.91 -4.90 -35.75
N ALA A 247 13.11 -4.32 -35.83
CA ALA A 247 13.58 -3.38 -34.82
C ALA A 247 12.75 -2.09 -34.83
N GLU A 248 12.40 -1.64 -36.02
CA GLU A 248 11.62 -0.41 -36.17
C GLU A 248 10.25 -0.53 -35.50
N VAL A 249 9.71 -1.75 -35.48
CA VAL A 249 8.40 -2.00 -34.89
C VAL A 249 8.44 -1.94 -33.37
N TRP A 250 9.51 -2.47 -32.80
CA TRP A 250 9.69 -2.42 -31.34
C TRP A 250 9.98 -1.00 -30.89
N VAL A 251 10.70 -0.25 -31.72
CA VAL A 251 11.01 1.14 -31.43
C VAL A 251 9.76 2.01 -31.48
N ASP A 252 8.89 1.75 -32.46
CA ASP A 252 7.64 2.49 -32.58
C ASP A 252 6.74 2.18 -31.39
N ALA A 253 6.71 0.93 -30.98
CA ALA A 253 5.94 0.51 -29.81
C ALA A 253 6.44 1.25 -28.56
N ALA A 254 7.74 1.15 -28.30
CA ALA A 254 8.33 1.78 -27.13
C ALA A 254 8.08 3.28 -27.12
N THR A 255 8.42 3.94 -28.22
CA THR A 255 8.27 5.39 -28.32
C THR A 255 6.83 5.83 -28.10
N GLN A 256 5.89 5.17 -28.77
CA GLN A 256 4.48 5.52 -28.67
C GLN A 256 3.98 5.35 -27.25
N VAL A 257 4.35 4.23 -26.64
CA VAL A 257 3.97 3.96 -25.25
C VAL A 257 4.52 5.04 -24.32
N PHE A 258 5.76 5.45 -24.57
CA PHE A 258 6.39 6.45 -23.72
C PHE A 258 5.72 7.82 -23.83
N PHE A 259 5.49 8.28 -25.06
CA PHE A 259 4.96 9.62 -25.27
C PHE A 259 3.44 9.71 -25.04
N SER A 260 2.75 8.58 -25.10
CA SER A 260 1.30 8.56 -24.88
C SER A 260 0.97 8.79 -23.42
N LEU A 261 1.64 8.07 -22.53
CA LEU A 261 1.59 8.35 -21.10
C LEU A 261 2.44 9.58 -20.87
N GLY A 262 2.16 10.34 -19.81
CA GLY A 262 2.71 11.69 -19.72
C GLY A 262 3.92 12.02 -18.85
N PRO A 263 4.78 11.03 -18.54
CA PRO A 263 5.90 11.36 -17.65
C PRO A 263 6.88 12.37 -18.27
N GLY A 264 7.50 13.19 -17.43
CA GLY A 264 8.52 14.12 -17.86
C GLY A 264 8.09 15.58 -17.93
N PHE A 265 6.78 15.85 -17.84
CA PHE A 265 6.28 17.22 -17.81
C PHE A 265 6.00 17.70 -16.39
N GLY A 266 6.17 16.82 -15.41
CA GLY A 266 5.86 17.14 -14.04
C GLY A 266 4.37 17.32 -13.79
N VAL A 267 3.56 16.90 -14.76
CA VAL A 267 2.10 16.99 -14.64
C VAL A 267 1.55 15.91 -13.70
N LEU A 268 1.98 14.68 -13.91
CA LEU A 268 1.58 13.59 -13.03
C LEU A 268 2.07 13.88 -11.61
N LEU A 269 3.27 14.43 -11.52
CA LEU A 269 3.86 14.83 -10.26
C LEU A 269 2.96 15.85 -9.56
N ALA A 270 2.60 16.91 -10.28
CA ALA A 270 1.76 17.96 -9.74
C ALA A 270 0.38 17.45 -9.34
N TYR A 271 -0.28 16.79 -10.28
CA TYR A 271 -1.63 16.27 -10.06
C TYR A 271 -1.71 15.32 -8.88
N ALA A 272 -0.74 14.42 -8.77
CA ALA A 272 -0.74 13.44 -7.69
C ALA A 272 -0.43 14.10 -6.35
N SER A 273 0.23 15.26 -6.41
CA SER A 273 0.66 15.95 -5.19
C SER A 273 -0.52 16.45 -4.38
N TYR A 274 -1.70 16.49 -5.01
CA TYR A 274 -2.90 16.93 -4.31
C TYR A 274 -3.70 15.74 -3.77
N ASN A 275 -3.18 14.54 -3.95
CA ASN A 275 -3.80 13.34 -3.42
C ASN A 275 -3.65 13.23 -1.91
N LYS A 276 -4.61 12.57 -1.26
CA LYS A 276 -4.43 12.21 0.13
C LYS A 276 -3.26 11.23 0.23
N TYR A 277 -2.40 11.43 1.23
CA TYR A 277 -1.16 10.68 1.38
C TYR A 277 -1.36 9.17 1.27
N HIS A 278 -2.45 8.68 1.88
CA HIS A 278 -2.71 7.24 1.97
C HIS A 278 -3.60 6.74 0.85
N ASN A 279 -3.92 7.61 -0.10
CA ASN A 279 -4.62 7.20 -1.31
C ASN A 279 -3.83 6.11 -2.01
N ASN A 280 -4.52 5.20 -2.68
CA ASN A 280 -3.82 4.14 -3.36
C ASN A 280 -3.53 4.63 -4.78
N VAL A 281 -2.26 4.91 -5.03
CA VAL A 281 -1.85 5.51 -6.29
C VAL A 281 -1.45 4.40 -7.26
N TYR A 282 -1.36 3.18 -6.73
CA TYR A 282 -1.02 2.03 -7.54
C TYR A 282 -2.22 1.56 -8.33
N LYS A 283 -3.39 1.57 -7.68
CA LYS A 283 -4.64 1.24 -8.37
C LYS A 283 -4.96 2.33 -9.38
N ASP A 284 -4.64 3.58 -9.03
CA ASP A 284 -4.89 4.72 -9.89
C ASP A 284 -3.99 4.69 -11.12
N ALA A 285 -2.74 4.26 -10.94
CA ALA A 285 -1.79 4.23 -12.02
C ALA A 285 -2.11 3.13 -13.01
N LEU A 286 -2.65 2.02 -12.53
CA LEU A 286 -3.03 0.91 -13.38
C LEU A 286 -4.34 1.22 -14.13
N LEU A 287 -5.33 1.70 -13.41
CA LEU A 287 -6.60 2.06 -14.02
C LEU A 287 -6.42 3.12 -15.09
N THR A 288 -5.68 4.17 -14.74
CA THR A 288 -5.47 5.30 -15.64
C THR A 288 -4.66 4.92 -16.87
N SER A 289 -3.60 4.14 -16.68
CA SER A 289 -2.79 3.66 -17.81
C SER A 289 -3.67 2.96 -18.82
N PHE A 290 -4.43 1.97 -18.32
CA PHE A 290 -5.29 1.13 -19.14
C PHE A 290 -6.29 1.94 -19.96
N ILE A 291 -6.99 2.85 -19.30
CA ILE A 291 -7.99 3.69 -19.97
C ILE A 291 -7.36 4.49 -21.12
N ASN A 292 -6.14 4.97 -20.89
CA ASN A 292 -5.42 5.70 -21.93
C ASN A 292 -5.21 4.84 -23.18
N SER A 293 -4.74 3.61 -22.97
CA SER A 293 -4.52 2.67 -24.07
C SER A 293 -5.84 2.20 -24.68
N ALA A 294 -6.80 1.86 -23.82
CA ALA A 294 -8.11 1.39 -24.28
C ALA A 294 -8.76 2.42 -25.17
N THR A 295 -8.54 3.70 -24.86
CA THR A 295 -9.09 4.80 -25.66
C THR A 295 -8.51 4.80 -27.06
N SER A 296 -7.19 4.63 -27.15
CA SER A 296 -6.51 4.57 -28.43
C SER A 296 -7.05 3.42 -29.27
N PHE A 297 -7.23 2.28 -28.64
CA PHE A 297 -7.73 1.08 -29.30
C PHE A 297 -9.12 1.31 -29.88
N ILE A 298 -10.01 1.88 -29.07
CA ILE A 298 -11.35 2.22 -29.50
C ILE A 298 -11.33 3.18 -30.69
N ALA A 299 -10.63 4.30 -30.52
CA ALA A 299 -10.53 5.34 -31.53
C ALA A 299 -10.06 4.78 -32.86
N GLY A 300 -9.22 3.76 -32.79
CA GLY A 300 -8.72 3.07 -33.97
C GLY A 300 -9.87 2.58 -34.82
N PHE A 301 -10.86 1.97 -34.18
CA PHE A 301 -12.04 1.52 -34.90
C PHE A 301 -12.81 2.70 -35.48
N VAL A 302 -12.92 3.78 -34.70
CA VAL A 302 -13.62 4.98 -35.15
C VAL A 302 -13.00 5.55 -36.42
N ILE A 303 -11.67 5.48 -36.50
CA ILE A 303 -10.94 6.01 -37.66
C ILE A 303 -11.00 5.05 -38.84
N PHE A 304 -10.42 3.86 -38.67
CA PHE A 304 -10.29 2.92 -39.77
C PHE A 304 -11.64 2.38 -40.26
N SER A 305 -12.67 2.47 -39.42
CA SER A 305 -14.01 2.14 -39.88
C SER A 305 -14.36 3.08 -41.02
N VAL A 306 -14.18 4.38 -40.78
CA VAL A 306 -14.42 5.40 -41.79
C VAL A 306 -13.38 5.32 -42.92
N LEU A 307 -12.16 4.93 -42.57
CA LEU A 307 -11.09 4.81 -43.56
C LEU A 307 -11.43 3.76 -44.61
N GLY A 308 -11.96 2.63 -44.15
CA GLY A 308 -12.37 1.57 -45.05
C GLY A 308 -13.53 2.03 -45.92
N TYR A 309 -14.46 2.76 -45.32
CA TYR A 309 -15.60 3.31 -46.04
C TYR A 309 -15.14 4.20 -47.20
N MET A 310 -14.08 4.98 -46.98
CA MET A 310 -13.54 5.83 -48.03
C MET A 310 -12.95 5.01 -49.18
N ALA A 311 -12.22 3.95 -48.85
CA ALA A 311 -11.59 3.10 -49.86
C ALA A 311 -12.63 2.33 -50.66
N HIS A 312 -13.73 1.97 -50.00
CA HIS A 312 -14.78 1.18 -50.63
C HIS A 312 -15.69 2.04 -51.50
N THR A 313 -16.41 2.96 -50.87
CA THR A 313 -17.40 3.77 -51.56
C THR A 313 -16.79 4.95 -52.34
N LEU A 314 -15.73 5.55 -51.82
CA LEU A 314 -15.20 6.79 -52.41
C LEU A 314 -14.04 6.57 -53.38
N GLY A 315 -13.59 5.33 -53.51
CA GLY A 315 -12.55 5.01 -54.49
C GLY A 315 -11.21 5.66 -54.26
N VAL A 316 -10.63 5.47 -53.08
CA VAL A 316 -9.30 5.98 -52.79
C VAL A 316 -8.43 4.91 -52.14
N ARG A 317 -7.18 4.80 -52.59
CA ARG A 317 -6.26 3.79 -52.07
C ARG A 317 -6.04 3.97 -50.57
N ILE A 318 -6.22 2.89 -49.82
CA ILE A 318 -6.15 2.92 -48.35
C ILE A 318 -4.87 3.55 -47.83
N GLU A 319 -3.76 3.32 -48.52
CA GLU A 319 -2.48 3.89 -48.10
C GLU A 319 -2.48 5.41 -48.19
N ASP A 320 -3.32 5.97 -49.05
CA ASP A 320 -3.38 7.41 -49.23
C ASP A 320 -4.21 8.08 -48.13
N VAL A 321 -5.29 7.44 -47.71
CA VAL A 321 -6.14 8.03 -46.66
C VAL A 321 -5.71 7.65 -45.25
N ALA A 322 -4.87 6.63 -45.11
CA ALA A 322 -4.46 6.18 -43.78
C ALA A 322 -3.17 6.88 -43.40
N THR A 323 -3.26 7.77 -42.44
CA THR A 323 -2.15 8.64 -42.11
C THR A 323 -2.15 9.06 -40.64
N GLU A 324 -1.16 9.85 -40.25
CA GLU A 324 -1.00 10.29 -38.87
C GLU A 324 -0.94 11.79 -38.78
N GLY A 325 -0.79 12.30 -37.56
CA GLY A 325 -0.69 13.73 -37.36
C GLY A 325 -1.98 14.44 -37.66
N PRO A 326 -1.97 15.78 -37.60
CA PRO A 326 -3.14 16.62 -37.82
C PRO A 326 -3.84 16.34 -39.15
N GLY A 327 -3.10 15.88 -40.15
CA GLY A 327 -3.66 15.59 -41.46
C GLY A 327 -4.86 14.65 -41.40
N LEU A 328 -4.79 13.68 -40.50
CA LEU A 328 -5.86 12.71 -40.32
C LEU A 328 -7.15 13.37 -39.83
N VAL A 329 -7.02 14.17 -38.77
CA VAL A 329 -8.18 14.79 -38.13
C VAL A 329 -8.70 16.04 -38.85
N PHE A 330 -7.79 16.83 -39.42
CA PHE A 330 -8.23 18.08 -40.06
C PHE A 330 -8.49 18.00 -41.56
N VAL A 331 -8.13 16.87 -42.18
CA VAL A 331 -8.34 16.72 -43.62
C VAL A 331 -9.04 15.41 -43.99
N VAL A 332 -8.37 14.29 -43.75
CA VAL A 332 -8.86 13.00 -44.20
C VAL A 332 -10.21 12.61 -43.60
N TYR A 333 -10.34 12.71 -42.27
CA TYR A 333 -11.58 12.32 -41.62
C TYR A 333 -12.76 13.24 -41.96
N PRO A 334 -12.53 14.57 -41.94
CA PRO A 334 -13.61 15.49 -42.31
C PRO A 334 -14.05 15.30 -43.76
N ALA A 335 -13.15 14.81 -44.60
CA ALA A 335 -13.47 14.55 -46.00
C ALA A 335 -14.51 13.45 -46.11
N ALA A 336 -14.43 12.48 -45.21
CA ALA A 336 -15.37 11.37 -45.19
C ALA A 336 -16.71 11.80 -44.61
N ILE A 337 -16.65 12.53 -43.50
CA ILE A 337 -17.84 13.03 -42.82
C ILE A 337 -18.76 13.80 -43.77
N ALA A 338 -18.16 14.50 -44.73
CA ALA A 338 -18.92 15.35 -45.63
C ALA A 338 -19.75 14.55 -46.62
N THR A 339 -19.28 13.34 -46.94
CA THR A 339 -20.00 12.48 -47.88
C THR A 339 -21.20 11.82 -47.22
N MET A 340 -21.18 11.72 -45.91
CA MET A 340 -22.23 11.04 -45.15
C MET A 340 -23.44 11.94 -44.94
N PRO A 341 -24.64 11.34 -44.92
CA PRO A 341 -25.84 12.09 -44.54
C PRO A 341 -25.74 12.52 -43.08
N ALA A 342 -26.33 13.67 -42.74
CA ALA A 342 -26.20 14.24 -41.41
C ALA A 342 -24.75 14.63 -41.14
N SER A 343 -24.06 15.04 -42.20
CA SER A 343 -22.65 15.42 -42.12
C SER A 343 -22.37 16.47 -41.06
N THR A 344 -23.20 17.51 -41.03
CA THR A 344 -23.01 18.63 -40.12
C THR A 344 -22.93 18.19 -38.65
N PHE A 345 -23.74 17.20 -38.30
CA PHE A 345 -23.75 16.69 -36.93
C PHE A 345 -22.42 16.02 -36.58
N TRP A 346 -21.98 15.09 -37.42
CA TRP A 346 -20.71 14.40 -37.20
C TRP A 346 -19.57 15.41 -37.14
N ALA A 347 -19.61 16.40 -38.03
CA ALA A 347 -18.58 17.42 -38.09
C ALA A 347 -18.47 18.20 -36.79
N LEU A 348 -19.60 18.72 -36.33
CA LEU A 348 -19.65 19.52 -35.11
C LEU A 348 -19.15 18.75 -33.89
N ILE A 349 -19.59 17.50 -33.74
CA ILE A 349 -19.19 16.72 -32.58
C ILE A 349 -17.76 16.21 -32.70
N PHE A 350 -17.29 16.01 -33.94
CA PHE A 350 -15.92 15.58 -34.17
C PHE A 350 -14.95 16.65 -33.69
N PHE A 351 -15.15 17.87 -34.18
CA PHE A 351 -14.25 18.98 -33.87
C PHE A 351 -14.34 19.42 -32.41
N MET A 352 -15.48 19.18 -31.78
CA MET A 352 -15.61 19.42 -30.36
C MET A 352 -14.85 18.36 -29.58
N MET A 353 -14.82 17.15 -30.12
CA MET A 353 -14.06 16.06 -29.53
C MET A 353 -12.57 16.38 -29.56
N LEU A 354 -12.11 16.87 -30.72
CA LEU A 354 -10.71 17.27 -30.86
C LEU A 354 -10.36 18.34 -29.84
N ALA A 355 -11.27 19.31 -29.71
CA ALA A 355 -11.11 20.37 -28.72
C ALA A 355 -10.94 19.80 -27.32
N THR A 356 -11.97 19.12 -26.83
CA THR A 356 -11.96 18.55 -25.49
C THR A 356 -10.84 17.52 -25.30
N LEU A 357 -10.32 17.00 -26.40
CA LEU A 357 -9.20 16.08 -26.33
C LEU A 357 -7.92 16.82 -25.95
N GLY A 358 -7.75 18.01 -26.50
CA GLY A 358 -6.57 18.81 -26.22
C GLY A 358 -6.65 19.63 -24.95
N LEU A 359 -7.87 20.04 -24.59
CA LEU A 359 -8.07 20.97 -23.49
C LEU A 359 -7.58 20.45 -22.13
N ASP A 360 -8.07 19.29 -21.71
CA ASP A 360 -7.66 18.72 -20.44
C ASP A 360 -6.16 18.37 -20.45
N SER A 361 -5.58 18.29 -21.65
CA SER A 361 -4.15 18.10 -21.77
C SER A 361 -3.41 19.38 -21.45
N SER A 362 -3.90 20.49 -21.99
CA SER A 362 -3.33 21.80 -21.71
C SER A 362 -3.49 22.14 -20.24
N PHE A 363 -4.59 21.69 -19.64
CA PHE A 363 -4.84 21.90 -18.22
C PHE A 363 -3.70 21.36 -17.37
N GLY A 364 -3.38 20.09 -17.55
CA GLY A 364 -2.34 19.45 -16.78
C GLY A 364 -0.98 20.04 -17.09
N GLY A 365 -0.77 20.41 -18.35
CA GLY A 365 0.49 21.00 -18.76
C GLY A 365 0.76 22.30 -18.04
N SER A 366 -0.20 23.22 -18.11
CA SER A 366 -0.07 24.51 -17.45
C SER A 366 -0.07 24.35 -15.93
N GLU A 367 -0.84 23.38 -15.44
CA GLU A 367 -0.94 23.12 -14.01
C GLU A 367 0.40 22.68 -13.47
N ALA A 368 1.19 22.01 -14.31
CA ALA A 368 2.52 21.57 -13.91
C ALA A 368 3.39 22.77 -13.54
N ILE A 369 3.32 23.82 -14.36
CA ILE A 369 4.07 25.05 -14.09
C ILE A 369 3.57 25.74 -12.83
N ILE A 370 2.27 26.03 -12.79
CA ILE A 370 1.68 26.77 -11.69
C ILE A 370 1.96 26.13 -10.34
N THR A 371 1.63 24.84 -10.23
CA THR A 371 1.89 24.09 -9.00
C THR A 371 3.36 24.11 -8.65
N ALA A 372 4.21 23.97 -9.66
CA ALA A 372 5.65 23.93 -9.46
C ALA A 372 6.16 25.25 -8.90
N LEU A 373 5.68 26.35 -9.46
CA LEU A 373 6.12 27.67 -9.04
C LEU A 373 5.45 28.09 -7.73
N SER A 374 4.19 27.72 -7.57
CA SER A 374 3.45 28.05 -6.35
C SER A 374 4.15 27.53 -5.11
N ASP A 375 4.70 26.32 -5.22
CA ASP A 375 5.36 25.68 -4.08
C ASP A 375 6.76 26.24 -3.86
N GLU A 376 7.41 26.68 -4.93
CA GLU A 376 8.73 27.30 -4.84
C GLU A 376 8.66 28.76 -4.41
N PHE A 377 7.65 29.47 -4.90
CA PHE A 377 7.54 30.91 -4.68
C PHE A 377 6.19 31.30 -4.10
N PRO A 378 6.10 31.38 -2.76
CA PRO A 378 4.85 31.71 -2.08
C PRO A 378 4.28 33.05 -2.55
N LYS A 379 5.11 33.87 -3.17
CA LYS A 379 4.68 35.12 -3.77
C LYS A 379 3.54 34.89 -4.79
N ILE A 380 3.79 34.00 -5.76
CA ILE A 380 2.79 33.70 -6.78
C ILE A 380 1.83 32.60 -6.31
N LYS A 381 2.16 31.96 -5.20
CA LYS A 381 1.24 31.02 -4.56
C LYS A 381 0.12 31.85 -3.92
N ARG A 382 0.52 32.98 -3.34
CA ARG A 382 -0.43 33.89 -2.71
C ARG A 382 -1.41 34.45 -3.72
N ASN A 383 -0.91 34.86 -4.90
CA ASN A 383 -1.81 35.24 -5.98
C ASN A 383 -1.73 34.26 -7.15
N ARG A 384 -2.75 33.42 -7.28
CA ARG A 384 -2.84 32.50 -8.40
C ARG A 384 -3.45 33.15 -9.64
N GLU A 385 -4.50 33.93 -9.41
CA GLU A 385 -5.29 34.48 -10.51
C GLU A 385 -4.51 35.44 -11.38
N LEU A 386 -3.60 36.19 -10.76
CA LEU A 386 -2.79 37.15 -11.49
C LEU A 386 -1.71 36.44 -12.30
N PHE A 387 -1.12 35.39 -11.72
CA PHE A 387 -0.03 34.69 -12.38
C PHE A 387 -0.46 34.03 -13.69
N VAL A 388 -1.51 33.23 -13.63
CA VAL A 388 -2.00 32.53 -14.83
C VAL A 388 -2.40 33.53 -15.90
N ALA A 389 -2.92 34.68 -15.48
CA ALA A 389 -3.24 35.74 -16.42
C ALA A 389 -1.98 36.25 -17.10
N GLY A 390 -0.90 36.36 -16.33
CA GLY A 390 0.37 36.81 -16.87
C GLY A 390 1.03 35.74 -17.72
N LEU A 391 0.78 34.47 -17.37
CA LEU A 391 1.35 33.35 -18.09
C LEU A 391 0.67 33.18 -19.45
N PHE A 392 -0.66 33.20 -19.44
CA PHE A 392 -1.44 33.01 -20.66
C PHE A 392 -1.33 34.20 -21.61
N SER A 393 -1.10 35.38 -21.04
CA SER A 393 -0.89 36.58 -21.84
C SER A 393 0.41 36.48 -22.61
N LEU A 394 1.44 35.96 -21.94
CA LEU A 394 2.71 35.67 -22.59
C LEU A 394 2.50 34.63 -23.69
N TYR A 395 1.71 33.61 -23.35
CA TYR A 395 1.38 32.56 -24.30
C TYR A 395 0.68 33.11 -25.53
N PHE A 396 -0.38 33.87 -25.31
CA PHE A 396 -1.19 34.39 -26.40
C PHE A 396 -0.41 35.31 -27.33
N VAL A 397 0.32 36.26 -26.74
CA VAL A 397 1.09 37.22 -27.53
C VAL A 397 2.11 36.50 -28.42
N VAL A 398 2.95 35.67 -27.82
CA VAL A 398 3.93 34.91 -28.58
C VAL A 398 3.21 33.94 -29.52
N GLY A 399 2.05 33.47 -29.08
CA GLY A 399 1.27 32.53 -29.85
C GLY A 399 0.68 33.13 -31.11
N LEU A 400 0.77 34.45 -31.23
CA LEU A 400 0.32 35.14 -32.44
C LEU A 400 1.18 34.71 -33.63
N ALA A 401 2.38 34.22 -33.32
CA ALA A 401 3.27 33.69 -34.34
C ALA A 401 2.68 32.47 -35.03
N SER A 402 1.93 31.66 -34.28
CA SER A 402 1.34 30.44 -34.80
C SER A 402 0.01 30.72 -35.48
N CYS A 403 -0.49 31.95 -35.32
CA CYS A 403 -1.72 32.36 -36.00
C CYS A 403 -1.41 33.06 -37.31
N THR A 404 -0.14 33.15 -37.65
CA THR A 404 0.29 33.77 -38.90
C THR A 404 0.10 32.80 -40.06
N GLN A 405 0.43 33.24 -41.27
CA GLN A 405 0.24 32.44 -42.46
C GLN A 405 1.27 31.33 -42.55
N GLY A 406 2.40 31.53 -41.87
CA GLY A 406 3.44 30.52 -41.82
C GLY A 406 3.40 29.80 -40.48
N GLY A 407 2.28 29.95 -39.79
CA GLY A 407 2.08 29.38 -38.48
C GLY A 407 2.39 27.90 -38.34
N PHE A 408 2.06 27.11 -39.36
CA PHE A 408 2.31 25.68 -39.30
C PHE A 408 3.81 25.42 -39.26
N TYR A 409 4.56 26.24 -39.99
CA TYR A 409 6.02 26.14 -40.00
C TYR A 409 6.57 26.39 -38.60
N PHE A 410 5.88 27.27 -37.86
CA PHE A 410 6.24 27.57 -36.49
C PHE A 410 5.82 26.43 -35.57
N PHE A 411 4.60 25.93 -35.78
CA PHE A 411 4.07 24.80 -35.03
C PHE A 411 4.98 23.58 -35.16
N HIS A 412 5.37 23.26 -36.39
CA HIS A 412 6.11 22.04 -36.67
C HIS A 412 7.51 22.07 -36.05
N LEU A 413 8.09 23.26 -35.97
CA LEU A 413 9.42 23.42 -35.40
C LEU A 413 9.40 23.08 -33.91
N LEU A 414 8.52 23.73 -33.18
CA LEU A 414 8.40 23.50 -31.74
C LEU A 414 8.00 22.07 -31.45
N ASP A 415 7.06 21.55 -32.25
CA ASP A 415 6.56 20.19 -32.07
C ASP A 415 7.72 19.19 -32.01
N ARG A 416 8.68 19.36 -32.91
CA ARG A 416 9.83 18.48 -32.96
C ARG A 416 10.76 18.69 -31.77
N TYR A 417 11.14 19.95 -31.55
CA TYR A 417 12.17 20.29 -30.58
C TYR A 417 11.69 20.74 -29.19
N ALA A 418 10.38 20.70 -28.92
CA ALA A 418 9.91 21.28 -27.66
C ALA A 418 10.36 20.35 -26.54
N ALA A 419 9.79 19.16 -26.41
CA ALA A 419 10.64 18.03 -26.08
C ALA A 419 10.36 16.83 -26.99
N GLY A 420 11.24 16.55 -27.95
CA GLY A 420 11.45 15.18 -28.38
C GLY A 420 12.47 14.42 -27.55
N TYR A 421 13.67 15.00 -27.49
CA TYR A 421 14.77 14.46 -26.70
C TYR A 421 14.91 15.18 -25.36
N SER A 422 14.11 16.22 -25.18
CA SER A 422 14.22 17.02 -23.97
C SER A 422 13.69 16.19 -22.82
N ILE A 423 12.51 15.65 -23.02
CA ILE A 423 11.82 14.90 -22.00
C ILE A 423 12.45 13.51 -21.82
N LEU A 424 13.03 12.99 -22.88
CA LEU A 424 13.66 11.66 -22.85
C LEU A 424 14.81 11.64 -21.85
N VAL A 425 15.71 12.61 -21.94
CA VAL A 425 16.85 12.66 -21.04
C VAL A 425 16.42 13.17 -19.69
N ALA A 426 15.29 13.87 -19.65
CA ALA A 426 14.76 14.36 -18.38
C ALA A 426 14.24 13.20 -17.55
N VAL A 427 13.41 12.36 -18.17
CA VAL A 427 12.86 11.19 -17.51
C VAL A 427 13.95 10.17 -17.21
N PHE A 428 14.96 10.10 -18.07
CA PHE A 428 16.08 9.20 -17.87
C PHE A 428 16.80 9.52 -16.56
N PHE A 429 16.96 10.81 -16.28
CA PHE A 429 17.57 11.25 -15.04
C PHE A 429 16.57 11.17 -13.89
N GLU A 430 15.28 11.14 -14.22
CA GLU A 430 14.25 10.89 -13.22
C GLU A 430 14.34 9.45 -12.73
N ALA A 431 14.45 8.52 -13.67
CA ALA A 431 14.55 7.09 -13.35
C ALA A 431 15.85 6.78 -12.62
N ILE A 432 16.91 7.47 -13.01
CA ILE A 432 18.24 7.25 -12.43
C ILE A 432 18.33 7.83 -11.02
N ALA A 433 17.82 9.06 -10.85
CA ALA A 433 17.84 9.73 -9.56
C ALA A 433 17.08 8.91 -8.52
N VAL A 434 15.90 8.44 -8.91
CA VAL A 434 15.03 7.70 -8.00
C VAL A 434 15.58 6.32 -7.64
N SER A 435 15.91 5.52 -8.65
CA SER A 435 16.27 4.13 -8.44
C SER A 435 17.66 3.96 -7.83
N TRP A 436 18.61 4.78 -8.25
CA TRP A 436 20.00 4.63 -7.81
CA TRP A 436 20.00 4.63 -7.81
C TRP A 436 20.40 5.68 -6.79
N ILE A 437 20.40 6.95 -7.18
CA ILE A 437 20.78 8.03 -6.27
C ILE A 437 19.94 8.06 -5.00
N TYR A 438 18.63 8.19 -5.15
CA TYR A 438 17.73 8.21 -4.00
C TYR A 438 17.53 6.80 -3.46
N GLY A 439 17.51 5.83 -4.36
CA GLY A 439 17.42 4.43 -4.02
C GLY A 439 16.02 3.86 -4.13
N THR A 440 15.94 2.58 -4.50
CA THR A 440 14.67 1.90 -4.60
C THR A 440 14.17 1.50 -3.22
N ASN A 441 15.11 1.14 -2.35
CA ASN A 441 14.80 0.81 -0.97
C ASN A 441 13.98 1.90 -0.28
N ARG A 442 14.49 3.13 -0.34
CA ARG A 442 13.77 4.27 0.19
C ARG A 442 12.41 4.42 -0.48
N PHE A 443 12.43 4.41 -1.81
CA PHE A 443 11.22 4.62 -2.60
C PHE A 443 10.13 3.61 -2.26
N SER A 444 10.50 2.33 -2.23
CA SER A 444 9.55 1.27 -1.87
C SER A 444 9.02 1.49 -0.47
N GLU A 445 9.91 1.86 0.44
CA GLU A 445 9.55 2.17 1.82
C GLU A 445 8.52 3.30 1.87
N ASP A 446 8.71 4.30 1.01
CA ASP A 446 7.81 5.45 0.96
C ASP A 446 6.42 5.04 0.50
N ILE A 447 6.36 4.21 -0.55
CA ILE A 447 5.09 3.76 -1.09
C ILE A 447 4.34 2.88 -0.09
N ARG A 448 5.08 2.01 0.60
CA ARG A 448 4.49 1.15 1.63
C ARG A 448 3.80 1.97 2.70
N ASP A 449 4.43 3.07 3.10
CA ASP A 449 3.86 3.90 4.14
C ASP A 449 2.58 4.56 3.67
N MET A 450 2.49 4.78 2.35
CA MET A 450 1.30 5.39 1.77
C MET A 450 0.18 4.36 1.59
N ILE A 451 0.39 3.38 0.71
CA ILE A 451 -0.66 2.43 0.34
C ILE A 451 -0.67 1.15 1.18
N GLY A 452 0.31 1.01 2.06
CA GLY A 452 0.30 -0.11 2.99
C GLY A 452 1.18 -1.28 2.62
N PHE A 453 1.55 -1.39 1.34
CA PHE A 453 2.37 -2.49 0.88
C PHE A 453 3.46 -2.03 -0.08
N PRO A 454 4.64 -2.67 -0.03
CA PRO A 454 5.76 -2.31 -0.89
C PRO A 454 5.51 -2.70 -2.34
N PRO A 455 6.10 -1.97 -3.28
CA PRO A 455 5.99 -2.32 -4.70
C PRO A 455 6.53 -3.71 -4.95
N GLY A 456 5.85 -4.50 -5.78
CA GLY A 456 6.36 -5.80 -6.17
C GLY A 456 7.74 -5.62 -6.76
N ARG A 457 8.62 -6.59 -6.54
CA ARG A 457 10.00 -6.44 -6.98
C ARG A 457 10.09 -6.38 -8.50
N TYR A 458 8.97 -6.66 -9.17
CA TYR A 458 8.88 -6.44 -10.61
C TYR A 458 9.05 -4.97 -10.95
N TRP A 459 8.28 -4.12 -10.29
CA TRP A 459 8.36 -2.68 -10.52
C TRP A 459 9.74 -2.15 -10.18
N GLN A 460 10.35 -2.72 -9.14
CA GLN A 460 11.67 -2.30 -8.70
C GLN A 460 12.72 -2.55 -9.77
N VAL A 461 12.65 -3.72 -10.40
CA VAL A 461 13.58 -4.08 -11.46
C VAL A 461 13.40 -3.16 -12.67
N CYS A 462 12.15 -2.85 -12.99
CA CYS A 462 11.84 -1.99 -14.13
C CYS A 462 12.37 -0.57 -13.94
N TRP A 463 12.26 -0.06 -12.72
CA TRP A 463 12.73 1.29 -12.42
C TRP A 463 14.25 1.40 -12.48
N ARG A 464 14.93 0.36 -11.99
CA ARG A 464 16.38 0.37 -11.91
C ARG A 464 17.08 0.05 -13.24
N PHE A 465 16.56 -0.93 -13.96
CA PHE A 465 17.24 -1.44 -15.14
C PHE A 465 16.47 -1.21 -16.43
N VAL A 466 15.30 -1.84 -16.54
CA VAL A 466 14.50 -1.81 -17.77
C VAL A 466 14.24 -0.39 -18.28
N ALA A 467 13.74 0.47 -17.40
CA ALA A 467 13.39 1.84 -17.78
C ALA A 467 14.55 2.59 -18.44
N PRO A 468 15.68 2.70 -17.74
CA PRO A 468 16.85 3.41 -18.27
C PRO A 468 17.31 2.93 -19.64
N ILE A 469 17.34 1.62 -19.86
CA ILE A 469 17.72 1.08 -21.16
C ILE A 469 16.54 1.19 -22.13
N PHE A 470 15.33 1.25 -21.58
CA PHE A 470 14.13 1.48 -22.38
C PHE A 470 14.17 2.87 -22.98
N LEU A 471 14.42 3.87 -22.13
CA LEU A 471 14.57 5.25 -22.58
C LEU A 471 15.78 5.37 -23.49
N LEU A 472 16.81 4.59 -23.18
CA LEU A 472 18.04 4.59 -23.97
C LEU A 472 17.77 4.00 -25.36
N PHE A 473 17.07 2.86 -25.36
CA PHE A 473 16.68 2.19 -26.60
C PHE A 473 15.95 3.13 -27.54
N ILE A 474 15.09 3.97 -26.98
CA ILE A 474 14.36 4.97 -27.76
C ILE A 474 15.27 6.10 -28.22
N THR A 475 16.03 6.66 -27.29
CA THR A 475 16.88 7.81 -27.58
C THR A 475 18.00 7.47 -28.56
N VAL A 476 18.46 6.23 -28.53
CA VAL A 476 19.51 5.78 -29.44
C VAL A 476 18.96 5.60 -30.86
N TYR A 477 17.84 4.90 -30.98
CA TYR A 477 17.23 4.68 -32.28
C TYR A 477 16.64 5.97 -32.83
N GLY A 478 16.37 6.93 -31.95
CA GLY A 478 15.89 8.23 -32.35
C GLY A 478 16.97 9.02 -33.05
N LEU A 479 18.16 9.05 -32.44
CA LEU A 479 19.30 9.76 -33.02
C LEU A 479 19.82 9.05 -34.26
N ILE A 480 19.54 7.74 -34.36
CA ILE A 480 20.05 6.93 -35.45
C ILE A 480 19.36 7.25 -36.77
N GLY A 481 18.08 7.60 -36.69
CA GLY A 481 17.29 7.91 -37.87
C GLY A 481 17.09 9.40 -38.05
N TYR A 482 17.92 10.19 -37.37
CA TYR A 482 17.79 11.64 -37.41
C TYR A 482 17.98 12.22 -38.80
N GLU A 483 17.08 13.12 -39.18
CA GLU A 483 17.20 13.88 -40.42
C GLU A 483 16.71 15.30 -40.15
N PRO A 484 17.34 16.29 -40.80
CA PRO A 484 17.01 17.70 -40.60
C PRO A 484 15.51 18.00 -40.75
N LEU A 485 15.02 18.96 -40.00
CA LEU A 485 13.59 19.28 -39.99
C LEU A 485 13.10 19.74 -41.36
N THR A 486 12.03 19.12 -41.83
CA THR A 486 11.39 19.48 -43.08
C THR A 486 9.89 19.24 -42.99
N TYR A 487 9.11 20.11 -43.62
CA TYR A 487 7.69 19.85 -43.77
C TYR A 487 7.32 19.84 -45.25
N ALA A 488 6.75 18.72 -45.70
CA ALA A 488 6.42 18.54 -47.11
C ALA A 488 7.65 18.76 -47.97
N ASP A 489 7.56 19.71 -48.89
CA ASP A 489 8.65 19.97 -49.82
C ASP A 489 9.61 21.04 -49.29
N TYR A 490 9.23 21.67 -48.18
CA TYR A 490 10.05 22.72 -47.58
C TYR A 490 11.11 22.15 -46.64
N VAL A 491 12.35 22.63 -46.77
CA VAL A 491 13.41 22.23 -45.86
C VAL A 491 13.82 23.41 -44.99
N TYR A 492 13.70 23.24 -43.68
CA TYR A 492 14.07 24.28 -42.74
C TYR A 492 15.56 24.63 -42.85
N PRO A 493 15.88 25.92 -42.73
CA PRO A 493 17.27 26.40 -42.79
C PRO A 493 18.10 25.91 -41.61
N SER A 494 19.42 25.99 -41.73
CA SER A 494 20.32 25.53 -40.68
C SER A 494 20.14 26.31 -39.38
N TRP A 495 19.85 27.60 -39.49
CA TRP A 495 19.69 28.44 -38.31
C TRP A 495 18.44 28.04 -37.51
N ALA A 496 17.43 27.55 -38.22
CA ALA A 496 16.20 27.13 -37.57
C ALA A 496 16.43 25.85 -36.78
N ASN A 497 17.13 24.90 -37.39
CA ASN A 497 17.48 23.65 -36.72
C ASN A 497 18.27 23.89 -35.45
N ALA A 498 19.13 24.90 -35.48
CA ALA A 498 19.92 25.26 -34.31
C ALA A 498 19.01 25.78 -33.20
N LEU A 499 18.09 26.67 -33.57
CA LEU A 499 17.16 27.26 -32.62
C LEU A 499 16.37 26.19 -31.89
N GLY A 500 16.08 25.09 -32.58
CA GLY A 500 15.38 23.97 -31.98
C GLY A 500 16.23 23.27 -30.95
N TRP A 501 17.48 23.00 -31.32
CA TRP A 501 18.43 22.34 -30.41
C TRP A 501 18.66 23.21 -29.18
N CYS A 502 18.61 24.52 -29.36
CA CYS A 502 18.75 25.44 -28.24
C CYS A 502 17.52 25.35 -27.33
N ILE A 503 16.35 25.18 -27.94
CA ILE A 503 15.12 24.98 -27.18
C ILE A 503 15.13 23.63 -26.48
N ALA A 504 15.66 22.63 -27.19
CA ALA A 504 15.72 21.27 -26.66
C ALA A 504 16.73 21.16 -25.52
N GLY A 505 17.87 21.82 -25.69
CA GLY A 505 18.94 21.79 -24.70
C GLY A 505 18.80 22.87 -23.64
N SER A 506 17.89 23.81 -23.87
CA SER A 506 17.61 24.84 -22.90
C SER A 506 17.13 24.25 -21.58
N SER A 507 16.22 23.28 -21.68
CA SER A 507 15.66 22.61 -20.51
C SER A 507 16.63 21.63 -19.88
N VAL A 508 17.22 20.78 -20.71
CA VAL A 508 18.11 19.72 -20.25
C VAL A 508 19.36 20.26 -19.57
N VAL A 509 19.83 21.42 -20.02
CA VAL A 509 21.04 22.02 -19.50
C VAL A 509 20.89 22.41 -18.03
N MET A 510 19.64 22.60 -17.61
CA MET A 510 19.34 22.96 -16.22
C MET A 510 19.82 21.89 -15.26
N ILE A 511 19.74 20.63 -15.67
CA ILE A 511 20.14 19.51 -14.81
C ILE A 511 21.60 19.61 -14.37
N PRO A 512 22.53 19.65 -15.34
CA PRO A 512 23.94 19.79 -14.99
C PRO A 512 24.25 21.17 -14.39
N ALA A 513 23.56 22.20 -14.89
CA ALA A 513 23.80 23.57 -14.44
C ALA A 513 23.42 23.73 -12.96
N VAL A 514 22.19 23.38 -12.62
CA VAL A 514 21.71 23.50 -11.25
C VAL A 514 22.52 22.62 -10.31
N ALA A 515 23.16 21.59 -10.86
CA ALA A 515 24.03 20.72 -10.07
C ALA A 515 25.33 21.44 -9.73
N ILE A 516 25.84 22.21 -10.68
CA ILE A 516 27.07 22.98 -10.45
C ILE A 516 26.85 24.11 -9.45
N PHE A 517 25.80 24.90 -9.69
CA PHE A 517 25.47 26.01 -8.80
C PHE A 517 25.16 25.53 -7.39
N LYS A 518 24.58 24.33 -7.30
CA LYS A 518 24.26 23.75 -6.01
C LYS A 518 25.51 23.17 -5.36
N LEU A 519 26.36 22.54 -6.16
CA LEU A 519 27.63 22.01 -5.70
C LEU A 519 28.53 23.11 -5.15
N LEU A 520 28.54 24.25 -5.84
CA LEU A 520 29.43 25.36 -5.47
C LEU A 520 28.84 26.24 -4.36
N SER A 521 27.57 26.01 -4.03
CA SER A 521 26.93 26.79 -2.97
C SER A 521 27.00 26.06 -1.63
N THR A 522 27.55 24.84 -1.64
CA THR A 522 27.67 24.05 -0.42
C THR A 522 29.14 23.85 -0.03
N PRO A 523 29.51 24.33 1.18
CA PRO A 523 30.86 24.26 1.72
C PRO A 523 31.33 22.85 2.05
N GLY A 524 32.64 22.68 2.22
CA GLY A 524 33.20 21.40 2.65
C GLY A 524 33.90 20.61 1.55
N SER A 525 34.35 19.41 1.92
CA SER A 525 35.04 18.52 0.99
C SER A 525 34.11 18.04 -0.11
N LEU A 526 34.69 17.61 -1.24
CA LEU A 526 33.90 17.11 -2.35
C LEU A 526 32.99 15.97 -1.92
N ARG A 527 33.59 14.86 -1.50
CA ARG A 527 32.85 13.69 -1.02
C ARG A 527 31.87 14.09 0.09
N GLN A 528 32.24 15.12 0.86
CA GLN A 528 31.37 15.68 1.87
C GLN A 528 30.32 16.58 1.23
N ARG A 529 30.67 17.17 0.09
CA ARG A 529 29.78 18.07 -0.64
C ARG A 529 28.71 17.31 -1.43
N PHE A 530 29.03 16.10 -1.87
CA PHE A 530 28.05 15.27 -2.55
C PHE A 530 27.00 14.79 -1.56
N THR A 531 27.47 14.26 -0.44
CA THR A 531 26.58 13.66 0.55
C THR A 531 25.52 14.63 1.05
N ILE A 532 25.86 15.91 1.17
CA ILE A 532 24.90 16.91 1.61
C ILE A 532 23.83 17.14 0.54
N LEU A 533 24.24 17.12 -0.72
CA LEU A 533 23.31 17.35 -1.82
C LEU A 533 22.54 16.08 -2.20
N THR A 534 23.03 14.93 -1.76
CA THR A 534 22.35 13.66 -2.02
C THR A 534 21.49 13.21 -0.84
N THR A 535 21.49 13.99 0.25
CA THR A 535 20.67 13.66 1.40
C THR A 535 19.30 14.32 1.33
N PRO A 536 18.24 13.49 1.27
CA PRO A 536 16.83 13.86 1.14
C PRO A 536 16.33 14.80 2.24
N TRP A 537 15.33 15.60 1.90
CA TRP A 537 14.66 16.50 2.84
C TRP A 537 14.16 15.73 4.05
N ARG A 538 13.69 14.52 3.82
CA ARG A 538 13.21 13.63 4.88
C ARG A 538 14.29 13.36 5.92
N ASP A 539 15.50 13.05 5.44
CA ASP A 539 16.59 12.65 6.31
C ASP A 539 17.46 13.84 6.73
N GLU B 23 -8.99 6.06 19.37
CA GLU B 23 -8.51 4.85 18.72
C GLU B 23 -9.68 3.98 18.27
N ASN B 24 -9.40 3.05 17.36
CA ASN B 24 -10.46 2.18 16.86
C ASN B 24 -10.52 0.93 17.72
N VAL B 25 -11.61 0.81 18.48
CA VAL B 25 -11.73 -0.24 19.47
C VAL B 25 -12.48 -1.45 18.91
N LEU B 26 -11.79 -2.59 18.89
CA LEU B 26 -12.38 -3.84 18.42
C LEU B 26 -12.89 -4.66 19.59
N THR B 27 -14.21 -4.83 19.66
CA THR B 27 -14.81 -5.66 20.70
C THR B 27 -15.24 -7.01 20.13
N GLN B 28 -14.94 -8.08 20.85
CA GLN B 28 -15.27 -9.42 20.40
C GLN B 28 -16.28 -10.11 21.31
N SER B 29 -17.12 -10.94 20.71
CA SER B 29 -18.04 -11.76 21.47
C SER B 29 -18.27 -13.09 20.78
N PRO B 30 -18.51 -14.14 21.56
CA PRO B 30 -18.50 -14.00 23.02
C PRO B 30 -17.07 -13.90 23.56
N ALA B 31 -16.92 -13.71 24.86
CA ALA B 31 -15.60 -13.71 25.49
C ALA B 31 -15.09 -15.14 25.63
N ILE B 32 -15.96 -16.01 26.14
CA ILE B 32 -15.65 -17.42 26.25
C ILE B 32 -16.71 -18.24 25.53
N MET B 33 -16.28 -19.31 24.88
CA MET B 33 -17.17 -20.12 24.05
C MET B 33 -16.85 -21.60 24.19
N SER B 34 -17.87 -22.42 24.42
CA SER B 34 -17.68 -23.86 24.59
C SER B 34 -18.32 -24.62 23.44
N THR B 35 -17.61 -25.60 22.89
CA THR B 35 -18.11 -26.32 21.73
C THR B 35 -17.73 -27.80 21.72
N SER B 36 -18.68 -28.64 21.30
CA SER B 36 -18.42 -30.06 21.11
C SER B 36 -17.81 -30.27 19.73
N PRO B 37 -16.76 -31.08 19.65
CA PRO B 37 -16.06 -31.32 18.38
C PRO B 37 -17.03 -31.72 17.26
N GLY B 38 -16.87 -31.11 16.09
CA GLY B 38 -17.75 -31.37 14.96
C GLY B 38 -18.82 -30.31 14.81
N GLU B 39 -19.12 -29.61 15.91
CA GLU B 39 -20.09 -28.53 15.88
C GLU B 39 -19.56 -27.32 15.10
N LYS B 40 -20.47 -26.46 14.69
CA LYS B 40 -20.10 -25.24 13.97
C LYS B 40 -20.06 -24.05 14.93
N VAL B 41 -18.94 -23.34 14.94
CA VAL B 41 -18.78 -22.17 15.81
C VAL B 41 -18.59 -20.88 15.01
N THR B 42 -19.15 -19.79 15.53
CA THR B 42 -18.96 -18.48 14.91
C THR B 42 -18.58 -17.42 15.94
N MET B 43 -17.63 -16.57 15.57
CA MET B 43 -17.16 -15.48 16.42
C MET B 43 -17.40 -14.15 15.72
N THR B 44 -17.67 -13.10 16.50
CA THR B 44 -17.91 -11.78 15.92
C THR B 44 -16.89 -10.75 16.40
N CYS B 45 -16.54 -9.82 15.50
CA CYS B 45 -15.62 -8.74 15.82
C CYS B 45 -16.23 -7.39 15.41
N ARG B 46 -16.50 -6.53 16.38
CA ARG B 46 -17.10 -5.23 16.07
C ARG B 46 -16.18 -4.06 16.37
N ALA B 47 -16.05 -3.18 15.38
CA ALA B 47 -15.16 -2.03 15.47
C ALA B 47 -15.92 -0.73 15.69
N SER B 48 -15.37 0.14 16.52
CA SER B 48 -16.00 1.42 16.82
C SER B 48 -16.03 2.30 15.57
N SER B 49 -15.10 2.04 14.65
CA SER B 49 -15.04 2.78 13.40
C SER B 49 -14.91 1.79 12.24
N SER B 50 -15.36 2.20 11.06
CA SER B 50 -15.31 1.34 9.89
C SER B 50 -13.87 0.92 9.59
N VAL B 51 -13.69 -0.36 9.30
CA VAL B 51 -12.37 -0.87 8.97
C VAL B 51 -12.34 -1.35 7.53
N GLY B 52 -11.31 -0.96 6.79
CA GLY B 52 -11.14 -1.44 5.43
C GLY B 52 -11.12 -2.96 5.42
N SER B 53 -11.97 -3.55 4.59
CA SER B 53 -12.09 -4.99 4.50
C SER B 53 -10.74 -5.67 4.31
N SER B 54 -9.85 -4.98 3.60
CA SER B 54 -8.54 -5.52 3.28
C SER B 54 -7.60 -5.50 4.48
N TYR B 55 -7.94 -4.70 5.48
CA TYR B 55 -7.07 -4.51 6.64
C TYR B 55 -7.43 -5.31 7.89
N LEU B 56 -8.48 -6.13 7.84
CA LEU B 56 -8.88 -6.87 9.04
C LEU B 56 -8.33 -8.29 9.04
N HIS B 57 -7.69 -8.66 10.16
CA HIS B 57 -7.01 -9.95 10.26
C HIS B 57 -7.35 -10.67 11.56
N TRP B 58 -7.07 -11.98 11.59
CA TRP B 58 -7.33 -12.80 12.77
C TRP B 58 -6.07 -13.52 13.21
N TYR B 59 -5.94 -13.73 14.52
CA TYR B 59 -4.81 -14.47 15.06
C TYR B 59 -5.30 -15.55 16.03
N GLN B 60 -4.69 -16.73 15.94
CA GLN B 60 -4.96 -17.79 16.90
C GLN B 60 -3.81 -17.91 17.89
N GLN B 61 -4.13 -17.89 19.17
CA GLN B 61 -3.11 -18.08 20.20
C GLN B 61 -3.49 -19.26 21.09
N LYS B 62 -2.69 -20.32 21.04
CA LYS B 62 -2.87 -21.47 21.94
C LYS B 62 -2.29 -21.13 23.30
N SER B 63 -2.78 -21.81 24.33
CA SER B 63 -2.32 -21.55 25.69
C SER B 63 -0.82 -21.77 25.86
N GLY B 64 -0.13 -20.77 26.40
CA GLY B 64 1.29 -20.86 26.65
C GLY B 64 2.17 -20.65 25.42
N ALA B 65 1.55 -20.26 24.31
CA ALA B 65 2.27 -20.03 23.07
C ALA B 65 2.03 -18.63 22.54
N SER B 66 2.86 -18.19 21.59
CA SER B 66 2.68 -16.89 20.96
C SER B 66 1.65 -16.95 19.85
N PRO B 67 1.08 -15.78 19.50
CA PRO B 67 0.07 -15.68 18.45
C PRO B 67 0.57 -16.16 17.10
N LYS B 68 -0.36 -16.63 16.27
CA LYS B 68 -0.06 -16.99 14.88
C LYS B 68 -1.07 -16.33 13.96
N LEU B 69 -0.58 -15.70 12.89
CA LEU B 69 -1.47 -15.16 11.86
C LEU B 69 -2.35 -16.28 11.33
N TRP B 70 -3.66 -16.04 11.30
CA TRP B 70 -4.63 -17.08 10.97
C TRP B 70 -5.40 -16.72 9.71
N ILE B 71 -6.14 -15.61 9.76
CA ILE B 71 -6.84 -15.10 8.59
C ILE B 71 -6.44 -13.65 8.32
N TYR B 72 -6.12 -13.34 7.07
CA TYR B 72 -5.74 -11.98 6.69
C TYR B 72 -6.64 -11.43 5.59
N SER B 73 -6.86 -10.11 5.62
CA SER B 73 -7.71 -9.43 4.65
C SER B 73 -9.12 -10.01 4.65
N THR B 74 -9.54 -10.41 5.85
CA THR B 74 -10.88 -10.92 6.15
C THR B 74 -11.15 -12.35 5.70
N SER B 75 -11.00 -12.61 4.41
CA SER B 75 -11.37 -13.91 3.85
C SER B 75 -10.22 -14.88 3.58
N ASN B 76 -9.01 -14.54 3.99
CA ASN B 76 -7.87 -15.32 3.51
C ASN B 76 -7.15 -16.13 4.58
N LEU B 77 -7.12 -17.44 4.38
CA LEU B 77 -6.46 -18.34 5.30
C LEU B 77 -4.95 -18.24 5.13
N ALA B 78 -4.25 -18.14 6.24
CA ALA B 78 -2.80 -18.17 6.24
C ALA B 78 -2.31 -19.57 5.90
N SER B 79 -1.06 -19.66 5.46
CA SER B 79 -0.47 -20.95 5.13
C SER B 79 -0.52 -21.87 6.35
N GLY B 80 -0.91 -23.12 6.12
CA GLY B 80 -0.97 -24.12 7.17
C GLY B 80 -2.27 -24.08 7.97
N VAL B 81 -3.24 -23.31 7.48
CA VAL B 81 -4.53 -23.20 8.15
C VAL B 81 -5.57 -24.07 7.47
N PRO B 82 -6.13 -25.03 8.20
CA PRO B 82 -7.12 -25.96 7.63
C PRO B 82 -8.30 -25.21 7.03
N ALA B 83 -8.89 -25.78 5.98
CA ALA B 83 -9.95 -25.11 5.25
C ALA B 83 -11.26 -25.04 6.04
N ARG B 84 -11.28 -25.69 7.21
CA ARG B 84 -12.45 -25.67 8.08
C ARG B 84 -12.67 -24.26 8.62
N PHE B 85 -11.64 -23.42 8.52
CA PHE B 85 -11.73 -22.03 8.94
C PHE B 85 -12.17 -21.12 7.79
N SER B 86 -13.04 -20.18 8.10
CA SER B 86 -13.44 -19.16 7.14
C SER B 86 -13.64 -17.84 7.87
N GLY B 87 -13.68 -16.75 7.12
CA GLY B 87 -13.96 -15.46 7.71
C GLY B 87 -14.65 -14.56 6.71
N SER B 88 -15.44 -13.63 7.24
CA SER B 88 -16.22 -12.74 6.42
C SER B 88 -16.57 -11.49 7.21
N GLY B 89 -16.91 -10.42 6.52
CA GLY B 89 -17.32 -9.20 7.16
C GLY B 89 -16.99 -7.98 6.34
N SER B 90 -17.32 -6.81 6.88
CA SER B 90 -17.03 -5.55 6.24
C SER B 90 -17.50 -4.40 7.13
N GLY B 91 -16.97 -3.21 6.87
CA GLY B 91 -17.34 -2.06 7.68
C GLY B 91 -16.97 -2.27 9.13
N THR B 92 -17.96 -2.19 10.01
CA THR B 92 -17.74 -2.35 11.44
C THR B 92 -18.04 -3.75 11.96
N SER B 93 -18.39 -4.67 11.07
CA SER B 93 -18.78 -6.01 11.52
C SER B 93 -18.07 -7.13 10.76
N TYR B 94 -17.37 -7.98 11.51
CA TYR B 94 -16.61 -9.10 10.95
C TYR B 94 -16.82 -10.35 11.80
N SER B 95 -16.53 -11.51 11.21
CA SER B 95 -16.73 -12.77 11.92
C SER B 95 -15.76 -13.87 11.49
N LEU B 96 -15.40 -14.73 12.45
CA LEU B 96 -14.60 -15.91 12.16
C LEU B 96 -15.47 -17.14 12.39
N THR B 97 -15.37 -18.12 11.50
CA THR B 97 -16.23 -19.29 11.57
C THR B 97 -15.45 -20.58 11.34
N ILE B 98 -15.69 -21.56 12.21
CA ILE B 98 -15.15 -22.89 12.03
C ILE B 98 -16.30 -23.85 11.72
N SER B 99 -16.29 -24.44 10.53
CA SER B 99 -17.39 -25.28 10.09
C SER B 99 -17.57 -26.51 10.97
N SER B 100 -16.50 -27.30 11.09
CA SER B 100 -16.52 -28.46 11.98
C SER B 100 -15.32 -28.41 12.94
N VAL B 101 -15.60 -28.18 14.21
CA VAL B 101 -14.54 -27.88 15.18
C VAL B 101 -13.77 -29.12 15.62
N GLU B 102 -12.46 -28.96 15.75
CA GLU B 102 -11.59 -30.02 16.25
C GLU B 102 -10.89 -29.57 17.54
N ALA B 103 -10.51 -30.54 18.37
CA ALA B 103 -9.91 -30.24 19.67
C ALA B 103 -8.62 -29.46 19.53
N GLU B 104 -8.02 -29.51 18.34
CA GLU B 104 -6.77 -28.79 18.10
C GLU B 104 -7.09 -27.32 17.81
N ASP B 105 -8.37 -26.98 17.80
CA ASP B 105 -8.80 -25.61 17.56
C ASP B 105 -9.05 -24.84 18.85
N ALA B 106 -8.89 -25.50 19.99
CA ALA B 106 -9.15 -24.82 21.25
C ALA B 106 -8.03 -23.83 21.51
N ALA B 107 -8.40 -22.56 21.57
CA ALA B 107 -7.42 -21.48 21.66
C ALA B 107 -8.14 -20.15 21.90
N THR B 108 -7.38 -19.07 21.91
CA THR B 108 -7.98 -17.75 21.96
C THR B 108 -7.78 -17.05 20.62
N TYR B 109 -8.86 -16.53 20.05
CA TYR B 109 -8.78 -15.90 18.74
C TYR B 109 -8.92 -14.39 18.84
N TYR B 110 -7.90 -13.68 18.35
CA TYR B 110 -7.90 -12.21 18.35
C TYR B 110 -8.04 -11.68 16.93
N CYS B 111 -8.92 -10.69 16.73
CA CYS B 111 -8.92 -9.99 15.46
C CYS B 111 -8.02 -8.76 15.59
N GLN B 112 -7.77 -8.10 14.47
CA GLN B 112 -6.88 -6.94 14.47
C GLN B 112 -7.19 -6.04 13.28
N GLN B 113 -7.02 -4.74 13.45
CA GLN B 113 -7.17 -3.81 12.32
C GLN B 113 -5.84 -3.14 12.00
N PHE B 114 -5.39 -3.29 10.78
CA PHE B 114 -4.18 -2.62 10.30
C PHE B 114 -4.55 -1.36 9.53
N SER B 115 -5.84 -1.02 9.54
CA SER B 115 -6.37 0.11 8.77
C SER B 115 -5.69 1.43 9.13
N GLY B 116 -5.62 1.75 10.42
CA GLY B 116 -5.01 2.99 10.83
C GLY B 116 -4.39 2.99 12.21
N TYR B 117 -3.42 3.87 12.42
CA TYR B 117 -2.69 3.95 13.68
C TYR B 117 -3.47 4.76 14.71
N PRO B 118 -3.44 4.33 15.98
CA PRO B 118 -2.70 3.17 16.47
C PRO B 118 -3.36 1.83 16.11
N LEU B 119 -2.55 0.82 15.86
CA LEU B 119 -3.06 -0.51 15.54
C LEU B 119 -3.78 -1.10 16.74
N THR B 120 -4.84 -1.88 16.49
CA THR B 120 -5.67 -2.38 17.57
C THR B 120 -5.99 -3.88 17.46
N PHE B 121 -6.03 -4.55 18.60
CA PHE B 121 -6.44 -5.95 18.66
C PHE B 121 -7.79 -6.07 19.37
N GLY B 122 -8.57 -7.07 18.97
CA GLY B 122 -9.85 -7.31 19.61
C GLY B 122 -9.68 -7.90 20.99
N SER B 123 -10.72 -7.77 21.82
CA SER B 123 -10.68 -8.26 23.19
C SER B 123 -10.53 -9.77 23.27
N GLY B 124 -10.70 -10.45 22.14
CA GLY B 124 -10.47 -11.88 22.09
C GLY B 124 -11.69 -12.75 22.33
N THR B 125 -11.69 -13.93 21.71
CA THR B 125 -12.70 -14.95 21.96
C THR B 125 -11.99 -16.25 22.35
N LYS B 126 -12.29 -16.75 23.54
CA LYS B 126 -11.66 -17.98 24.00
C LYS B 126 -12.52 -19.19 23.66
N LEU B 127 -11.99 -20.06 22.80
CA LEU B 127 -12.69 -21.27 22.38
C LEU B 127 -12.24 -22.46 23.21
N GLU B 128 -13.18 -23.07 23.92
CA GLU B 128 -12.88 -24.24 24.73
C GLU B 128 -13.73 -25.42 24.33
N MET B 129 -13.19 -26.62 24.51
CA MET B 129 -13.88 -27.83 24.11
C MET B 129 -14.89 -28.26 25.16
N LYS B 130 -16.07 -28.68 24.70
CA LYS B 130 -17.10 -29.19 25.58
C LYS B 130 -16.97 -30.71 25.68
N ARG B 131 -17.22 -31.24 26.87
CA ARG B 131 -17.13 -32.67 27.12
C ARG B 131 -18.22 -33.10 28.08
N ALA B 132 -18.21 -34.37 28.47
CA ALA B 132 -19.18 -34.89 29.42
C ALA B 132 -18.82 -34.45 30.84
N ASP B 133 -19.84 -34.18 31.65
CA ASP B 133 -19.63 -33.78 33.04
C ASP B 133 -18.79 -34.79 33.81
N ALA B 134 -17.86 -34.27 34.61
CA ALA B 134 -16.99 -35.12 35.42
C ALA B 134 -16.81 -34.53 36.81
N ALA B 135 -16.87 -35.38 37.83
CA ALA B 135 -16.68 -34.93 39.21
C ALA B 135 -15.21 -34.88 39.57
N PRO B 136 -14.82 -33.91 40.40
CA PRO B 136 -13.42 -33.75 40.81
C PRO B 136 -12.99 -34.80 41.82
N THR B 137 -11.71 -35.16 41.80
CA THR B 137 -11.14 -36.00 42.85
C THR B 137 -10.44 -35.09 43.85
N VAL B 138 -10.98 -35.02 45.06
CA VAL B 138 -10.53 -34.05 46.05
C VAL B 138 -9.50 -34.62 47.03
N SER B 139 -8.28 -34.09 46.95
CA SER B 139 -7.20 -34.47 47.86
C SER B 139 -6.91 -33.33 48.83
N ILE B 140 -6.72 -33.66 50.10
CA ILE B 140 -6.39 -32.65 51.11
C ILE B 140 -5.04 -32.95 51.76
N PHE B 141 -4.24 -31.90 51.97
CA PHE B 141 -2.92 -32.06 52.55
C PHE B 141 -2.70 -31.13 53.74
N PRO B 142 -2.08 -31.66 54.81
CA PRO B 142 -1.69 -30.93 56.02
C PRO B 142 -0.39 -30.17 55.81
N PRO B 143 -0.14 -29.15 56.64
CA PRO B 143 1.13 -28.41 56.61
C PRO B 143 2.34 -29.34 56.74
N SER B 144 3.37 -29.10 55.94
CA SER B 144 4.56 -29.94 55.96
C SER B 144 5.36 -29.71 57.24
N SER B 145 6.23 -30.67 57.56
CA SER B 145 7.08 -30.55 58.73
C SER B 145 8.00 -29.34 58.61
N GLU B 146 8.50 -29.10 57.40
CA GLU B 146 9.44 -28.01 57.16
C GLU B 146 8.79 -26.65 57.34
N GLN B 147 7.57 -26.49 56.82
CA GLN B 147 6.86 -25.24 56.94
C GLN B 147 6.49 -24.96 58.39
N LEU B 148 6.35 -26.02 59.18
CA LEU B 148 5.96 -25.90 60.58
C LEU B 148 7.11 -25.43 61.48
N THR B 149 8.31 -25.35 60.92
CA THR B 149 9.42 -24.72 61.63
C THR B 149 9.65 -23.24 61.25
N SER B 150 8.99 -22.78 60.19
CA SER B 150 9.29 -21.46 59.61
C SER B 150 8.42 -20.30 60.12
N GLY B 151 7.38 -20.62 60.89
CA GLY B 151 6.44 -19.63 61.39
C GLY B 151 5.06 -19.60 60.74
N GLY B 152 4.94 -20.13 59.52
CA GLY B 152 3.64 -20.28 58.90
C GLY B 152 3.10 -21.70 58.79
N ALA B 153 1.80 -21.83 58.53
CA ALA B 153 1.19 -23.12 58.26
C ALA B 153 0.11 -22.99 57.18
N SER B 154 0.20 -23.81 56.13
CA SER B 154 -0.78 -23.74 55.05
C SER B 154 -1.31 -25.11 54.65
N VAL B 155 -2.63 -25.21 54.59
CA VAL B 155 -3.32 -26.44 54.21
C VAL B 155 -3.71 -26.38 52.73
N VAL B 156 -3.34 -27.41 51.97
CA VAL B 156 -3.62 -27.45 50.54
C VAL B 156 -4.67 -28.50 50.17
N CYS B 157 -5.57 -28.13 49.26
CA CYS B 157 -6.57 -29.06 48.76
C CYS B 157 -6.63 -29.01 47.24
N PHE B 158 -6.46 -30.18 46.62
CA PHE B 158 -6.48 -30.30 45.16
C PHE B 158 -7.82 -30.82 44.65
N LEU B 159 -8.46 -30.04 43.79
CA LEU B 159 -9.64 -30.48 43.09
C LEU B 159 -9.27 -30.77 41.64
N ASN B 160 -9.21 -32.05 41.28
CA ASN B 160 -8.63 -32.44 39.99
C ASN B 160 -9.57 -33.15 39.03
N ASN B 161 -9.39 -32.86 37.74
CA ASN B 161 -10.10 -33.56 36.67
C ASN B 161 -11.61 -33.51 36.80
N PHE B 162 -12.17 -32.30 36.67
CA PHE B 162 -13.62 -32.12 36.71
C PHE B 162 -14.10 -31.24 35.58
N TYR B 163 -15.38 -31.36 35.24
CA TYR B 163 -16.00 -30.52 34.22
C TYR B 163 -17.45 -30.26 34.63
N PRO B 164 -17.96 -29.05 34.37
CA PRO B 164 -17.29 -27.91 33.74
C PRO B 164 -16.36 -27.15 34.70
N LYS B 165 -15.78 -26.06 34.23
CA LYS B 165 -14.74 -25.35 34.97
C LYS B 165 -15.20 -24.81 36.32
N ASP B 166 -16.43 -24.30 36.38
CA ASP B 166 -16.92 -23.68 37.60
C ASP B 166 -16.99 -24.68 38.75
N ILE B 167 -16.34 -24.34 39.86
CA ILE B 167 -16.36 -25.15 41.07
C ILE B 167 -16.15 -24.24 42.27
N ASN B 168 -16.63 -24.66 43.44
CA ASN B 168 -16.53 -23.82 44.62
C ASN B 168 -16.03 -24.58 45.84
N VAL B 169 -14.87 -24.17 46.34
CA VAL B 169 -14.27 -24.81 47.50
C VAL B 169 -14.64 -24.05 48.76
N LYS B 170 -14.86 -24.78 49.86
CA LYS B 170 -15.14 -24.15 51.15
C LYS B 170 -14.31 -24.80 52.25
N TRP B 171 -13.44 -24.00 52.87
CA TRP B 171 -12.60 -24.49 53.97
C TRP B 171 -13.32 -24.41 55.30
N LYS B 172 -13.13 -25.43 56.13
CA LYS B 172 -13.70 -25.46 57.47
C LYS B 172 -12.67 -25.90 58.51
N ILE B 173 -12.42 -25.04 59.49
CA ILE B 173 -11.63 -25.44 60.65
C ILE B 173 -12.61 -25.97 61.70
N ASP B 174 -12.48 -27.25 62.03
CA ASP B 174 -13.52 -27.95 62.78
C ASP B 174 -14.85 -27.82 62.07
N GLY B 175 -15.86 -27.33 62.78
CA GLY B 175 -17.17 -27.10 62.17
C GLY B 175 -17.30 -25.72 61.55
N SER B 176 -16.55 -24.76 62.07
CA SER B 176 -16.65 -23.37 61.63
C SER B 176 -16.11 -23.20 60.21
N GLU B 177 -16.78 -22.35 59.44
CA GLU B 177 -16.36 -22.03 58.10
C GLU B 177 -15.32 -20.91 58.12
N ARG B 178 -14.22 -21.09 57.38
CA ARG B 178 -13.23 -20.04 57.25
C ARG B 178 -13.21 -19.49 55.82
N GLN B 179 -13.22 -18.16 55.70
CA GLN B 179 -13.40 -17.51 54.42
C GLN B 179 -12.15 -16.78 53.94
N ASN B 180 -11.67 -15.82 54.73
CA ASN B 180 -10.45 -15.09 54.39
C ASN B 180 -9.20 -15.98 54.46
N GLY B 181 -8.15 -15.57 53.76
CA GLY B 181 -6.88 -16.26 53.81
C GLY B 181 -6.69 -17.42 52.85
N VAL B 182 -7.37 -17.38 51.71
CA VAL B 182 -7.32 -18.49 50.76
C VAL B 182 -6.70 -18.10 49.41
N LEU B 183 -6.11 -19.07 48.72
CA LEU B 183 -5.59 -18.83 47.38
C LEU B 183 -6.08 -19.93 46.44
N ASN B 184 -6.89 -19.54 45.46
CA ASN B 184 -7.44 -20.48 44.51
C ASN B 184 -6.77 -20.34 43.16
N SER B 185 -6.48 -21.46 42.52
CA SER B 185 -5.88 -21.44 41.19
C SER B 185 -6.49 -22.52 40.31
N TRP B 186 -6.95 -22.14 39.13
CA TRP B 186 -7.48 -23.10 38.17
C TRP B 186 -6.41 -23.37 37.13
N THR B 187 -6.37 -24.59 36.63
CA THR B 187 -5.49 -24.89 35.51
C THR B 187 -6.19 -24.54 34.22
N ASP B 188 -5.48 -24.63 33.10
CA ASP B 188 -6.11 -24.49 31.80
C ASP B 188 -6.76 -25.81 31.42
N GLN B 189 -7.75 -25.76 30.53
CA GLN B 189 -8.40 -26.98 30.06
C GLN B 189 -7.36 -27.93 29.46
N ASP B 190 -7.40 -29.19 29.90
CA ASP B 190 -6.45 -30.19 29.44
C ASP B 190 -6.65 -30.50 27.95
N SER B 191 -5.55 -30.76 27.25
CA SER B 191 -5.60 -30.98 25.81
C SER B 191 -5.94 -32.42 25.46
N LYS B 192 -6.10 -33.28 26.47
CA LYS B 192 -6.50 -34.67 26.21
C LYS B 192 -7.93 -34.94 26.66
N ASP B 193 -8.16 -34.98 27.97
CA ASP B 193 -9.50 -35.25 28.50
C ASP B 193 -10.35 -33.98 28.57
N SER B 194 -9.73 -32.84 28.27
CA SER B 194 -10.44 -31.57 28.21
C SER B 194 -11.10 -31.20 29.53
N THR B 195 -10.53 -31.69 30.63
CA THR B 195 -11.08 -31.39 31.95
C THR B 195 -10.36 -30.21 32.60
N TYR B 196 -10.80 -29.84 33.80
CA TYR B 196 -10.20 -28.75 34.56
C TYR B 196 -9.74 -29.22 35.94
N SER B 197 -8.83 -28.46 36.54
CA SER B 197 -8.36 -28.76 37.90
C SER B 197 -8.05 -27.47 38.65
N MET B 198 -8.34 -27.47 39.95
CA MET B 198 -8.14 -26.28 40.78
C MET B 198 -7.33 -26.61 42.03
N SER B 199 -6.61 -25.61 42.53
CA SER B 199 -5.84 -25.74 43.75
C SER B 199 -6.27 -24.67 44.76
N SER B 200 -6.62 -25.10 45.98
CA SER B 200 -7.01 -24.15 47.03
C SER B 200 -6.07 -24.28 48.22
N THR B 201 -5.51 -23.15 48.66
CA THR B 201 -4.52 -23.16 49.72
C THR B 201 -4.90 -22.22 50.86
N LEU B 202 -5.03 -22.78 52.06
CA LEU B 202 -5.36 -22.00 53.25
C LEU B 202 -4.13 -21.83 54.14
N THR B 203 -3.63 -20.60 54.23
CA THR B 203 -2.45 -20.33 55.05
C THR B 203 -2.83 -19.72 56.40
N LEU B 204 -2.20 -20.22 57.44
CA LEU B 204 -2.44 -19.75 58.81
C LEU B 204 -1.12 -19.66 59.56
N THR B 205 -1.14 -19.03 60.72
CA THR B 205 -0.03 -19.14 61.65
C THR B 205 -0.20 -20.45 62.42
N LYS B 206 0.89 -21.11 62.77
CA LYS B 206 0.80 -22.37 63.49
C LYS B 206 0.16 -22.18 64.85
N ASP B 207 0.41 -21.02 65.45
CA ASP B 207 -0.25 -20.65 66.69
C ASP B 207 -1.75 -20.74 66.52
N GLU B 208 -2.23 -20.27 65.37
CA GLU B 208 -3.64 -20.38 65.01
C GLU B 208 -3.96 -21.78 64.47
N TYR B 209 -2.98 -22.41 63.83
CA TYR B 209 -3.18 -23.75 63.27
C TYR B 209 -3.14 -24.83 64.35
N GLU B 210 -2.24 -24.68 65.30
CA GLU B 210 -2.05 -25.68 66.35
C GLU B 210 -3.07 -25.49 67.48
N ARG B 211 -3.93 -24.50 67.32
CA ARG B 211 -5.00 -24.25 68.28
C ARG B 211 -6.33 -24.89 67.86
N HIS B 212 -6.32 -25.60 66.74
CA HIS B 212 -7.50 -26.30 66.26
C HIS B 212 -7.12 -27.69 65.76
N ASN B 213 -7.94 -28.70 66.06
CA ASN B 213 -7.58 -30.08 65.77
C ASN B 213 -8.15 -30.67 64.47
N SER B 214 -8.98 -29.91 63.77
CA SER B 214 -9.66 -30.46 62.59
C SER B 214 -9.72 -29.50 61.40
N TYR B 215 -9.52 -30.05 60.20
CA TYR B 215 -9.53 -29.25 58.99
C TYR B 215 -10.26 -29.95 57.85
N THR B 216 -11.17 -29.23 57.21
CA THR B 216 -12.04 -29.81 56.20
C THR B 216 -12.02 -29.01 54.90
N CYS B 217 -11.82 -29.71 53.79
CA CYS B 217 -11.91 -29.10 52.47
C CYS B 217 -13.07 -29.71 51.70
N GLU B 218 -14.14 -28.94 51.50
CA GLU B 218 -15.31 -29.47 50.81
C GLU B 218 -15.58 -28.70 49.51
N ALA B 219 -15.83 -29.45 48.44
CA ALA B 219 -15.98 -28.86 47.12
C ALA B 219 -17.41 -29.02 46.58
N THR B 220 -18.08 -27.90 46.37
CA THR B 220 -19.40 -27.92 45.75
C THR B 220 -19.27 -27.83 44.24
N HIS B 221 -19.92 -28.74 43.54
CA HIS B 221 -19.80 -28.81 42.08
C HIS B 221 -21.11 -29.31 41.47
N LYS B 222 -21.30 -29.08 40.17
CA LYS B 222 -22.53 -29.46 39.49
C LYS B 222 -22.75 -30.97 39.47
N THR B 223 -21.67 -31.73 39.49
CA THR B 223 -21.74 -33.19 39.38
C THR B 223 -22.63 -33.81 40.46
N SER B 224 -22.54 -33.30 41.69
CA SER B 224 -23.32 -33.84 42.80
C SER B 224 -24.11 -32.76 43.52
N THR B 225 -25.24 -33.16 44.11
CA THR B 225 -26.06 -32.25 44.88
C THR B 225 -25.36 -31.86 46.17
N SER B 226 -24.85 -32.85 46.89
CA SER B 226 -24.05 -32.61 48.08
C SER B 226 -22.58 -32.44 47.71
N PRO B 227 -21.83 -31.67 48.52
CA PRO B 227 -20.42 -31.38 48.25
C PRO B 227 -19.50 -32.57 48.56
N ILE B 228 -18.41 -32.67 47.81
CA ILE B 228 -17.38 -33.68 48.08
C ILE B 228 -16.48 -33.21 49.22
N VAL B 229 -16.44 -33.98 50.30
CA VAL B 229 -15.70 -33.55 51.48
C VAL B 229 -14.45 -34.39 51.73
N LYS B 230 -13.37 -33.72 52.11
CA LYS B 230 -12.13 -34.36 52.52
C LYS B 230 -11.58 -33.66 53.75
N SER B 231 -11.43 -34.40 54.85
CA SER B 231 -10.93 -33.81 56.09
C SER B 231 -9.77 -34.60 56.67
N PHE B 232 -9.24 -34.09 57.78
CA PHE B 232 -8.26 -34.82 58.57
C PHE B 232 -8.19 -34.25 59.97
N ASN B 233 -7.68 -35.04 60.90
CA ASN B 233 -7.47 -34.59 62.26
C ASN B 233 -5.98 -34.53 62.54
N ARG B 234 -5.58 -33.69 63.48
CA ARG B 234 -4.17 -33.41 63.70
C ARG B 234 -3.48 -34.47 64.53
N ASN B 235 -4.23 -35.49 64.95
CA ASN B 235 -3.64 -36.60 65.70
C ASN B 235 -2.79 -37.51 64.82
N GLU B 236 -3.36 -37.96 63.71
CA GLU B 236 -2.66 -38.87 62.81
C GLU B 236 -1.90 -38.10 61.74
N GLU C 20 13.21 -21.97 9.73
CA GLU C 20 12.97 -21.12 8.58
C GLU C 20 13.14 -19.65 8.96
N VAL C 21 12.05 -19.02 9.39
CA VAL C 21 12.10 -17.68 9.95
C VAL C 21 12.01 -17.78 11.47
N GLN C 22 12.96 -17.13 12.15
CA GLN C 22 12.95 -17.13 13.61
C GLN C 22 13.11 -15.72 14.15
N LEU C 23 12.37 -15.42 15.21
CA LEU C 23 12.47 -14.15 15.91
C LEU C 23 12.63 -14.41 17.40
N VAL C 24 13.76 -14.00 17.95
CA VAL C 24 14.05 -14.23 19.36
C VAL C 24 14.10 -12.92 20.15
N GLU C 25 13.17 -12.76 21.08
CA GLU C 25 13.19 -11.61 21.96
C GLU C 25 14.12 -11.88 23.14
N SER C 26 14.88 -10.87 23.54
CA SER C 26 15.79 -11.02 24.66
C SER C 26 15.73 -9.78 25.55
N GLY C 27 16.49 -9.82 26.64
CA GLY C 27 16.42 -8.77 27.65
C GLY C 27 15.09 -8.89 28.39
N GLY C 28 14.82 -7.93 29.26
CA GLY C 28 13.56 -7.93 29.98
C GLY C 28 13.64 -8.75 31.24
N GLY C 29 12.89 -8.32 32.26
CA GLY C 29 12.98 -8.90 33.58
C GLY C 29 12.37 -7.91 34.56
N LEU C 30 12.79 -7.96 35.81
CA LEU C 30 12.29 -7.05 36.82
C LEU C 30 12.92 -5.66 36.70
N VAL C 31 12.10 -4.64 36.84
CA VAL C 31 12.54 -3.26 36.81
C VAL C 31 11.67 -2.43 37.73
N LYS C 32 12.27 -1.44 38.40
CA LYS C 32 11.50 -0.59 39.31
C LYS C 32 10.89 0.57 38.54
N PRO C 33 9.73 1.04 39.01
CA PRO C 33 9.00 2.15 38.37
C PRO C 33 9.89 3.36 38.14
N GLY C 34 9.80 3.94 36.95
CA GLY C 34 10.64 5.06 36.59
C GLY C 34 11.93 4.59 35.95
N GLY C 35 12.26 3.33 36.20
CA GLY C 35 13.46 2.73 35.64
C GLY C 35 13.37 2.58 34.14
N SER C 36 14.47 2.19 33.51
CA SER C 36 14.51 2.02 32.07
C SER C 36 15.16 0.69 31.69
N LEU C 37 14.80 0.15 30.53
CA LEU C 37 15.31 -1.13 30.08
C LEU C 37 15.29 -1.22 28.55
N LYS C 38 16.12 -2.09 28.00
CA LYS C 38 16.23 -2.24 26.55
C LYS C 38 15.92 -3.66 26.10
N LEU C 39 14.98 -3.79 25.17
CA LEU C 39 14.60 -5.09 24.64
C LEU C 39 15.18 -5.27 23.25
N SER C 40 15.51 -6.50 22.90
CA SER C 40 16.09 -6.78 21.58
C SER C 40 15.41 -7.97 20.92
N CYS C 41 15.36 -7.94 19.60
CA CYS C 41 14.80 -9.04 18.82
C CYS C 41 15.76 -9.44 17.72
N ALA C 42 16.29 -10.66 17.80
CA ALA C 42 17.21 -11.17 16.81
C ALA C 42 16.45 -11.81 15.66
N ALA C 43 16.63 -11.28 14.45
CA ALA C 43 15.92 -11.78 13.28
C ALA C 43 16.83 -12.65 12.42
N SER C 44 16.28 -13.77 11.94
CA SER C 44 17.02 -14.66 11.05
C SER C 44 16.06 -15.42 10.15
N GLY C 45 16.54 -15.81 8.96
CA GLY C 45 15.75 -16.62 8.06
C GLY C 45 15.08 -15.86 6.93
N PHE C 46 15.28 -14.55 6.91
CA PHE C 46 14.73 -13.69 5.87
C PHE C 46 15.57 -12.43 5.77
N THR C 47 15.41 -11.68 4.69
CA THR C 47 16.15 -10.41 4.61
C THR C 47 15.40 -9.44 5.51
N PHE C 48 16.09 -9.01 6.56
CA PHE C 48 15.44 -8.30 7.65
C PHE C 48 15.19 -6.86 7.26
N SER C 49 16.09 -6.30 6.46
CA SER C 49 15.99 -4.93 6.00
C SER C 49 14.73 -4.71 5.15
N SER C 50 14.20 -5.79 4.60
CA SER C 50 13.10 -5.70 3.64
C SER C 50 11.73 -5.67 4.30
N TYR C 51 11.67 -5.91 5.61
CA TYR C 51 10.40 -5.99 6.30
C TYR C 51 10.27 -5.01 7.45
N ALA C 52 9.08 -4.44 7.62
CA ALA C 52 8.79 -3.60 8.76
C ALA C 52 8.55 -4.46 10.00
N MET C 53 8.93 -3.95 11.16
CA MET C 53 8.76 -4.69 12.41
C MET C 53 7.94 -3.87 13.41
N SER C 54 7.18 -4.56 14.25
CA SER C 54 6.44 -3.90 15.31
C SER C 54 6.63 -4.62 16.64
N TRP C 55 6.47 -3.88 17.74
CA TRP C 55 6.45 -4.49 19.06
C TRP C 55 5.02 -4.58 19.55
N VAL C 56 4.55 -5.80 19.77
CA VAL C 56 3.23 -6.02 20.37
C VAL C 56 3.42 -6.67 21.74
N ARG C 57 2.66 -6.22 22.73
CA ARG C 57 2.80 -6.74 24.08
C ARG C 57 1.48 -7.31 24.60
N GLN C 58 1.60 -8.20 25.58
CA GLN C 58 0.42 -8.82 26.18
C GLN C 58 0.49 -8.78 27.70
N SER C 59 -0.44 -8.06 28.32
CA SER C 59 -0.48 -7.94 29.76
C SER C 59 -0.79 -9.27 30.43
N PRO C 60 -0.58 -9.36 31.74
CA PRO C 60 -0.93 -10.56 32.52
C PRO C 60 -2.42 -10.89 32.42
N GLU C 61 -3.22 -9.93 31.98
CA GLU C 61 -4.65 -10.14 31.78
C GLU C 61 -4.92 -10.65 30.36
N LYS C 62 -3.84 -10.96 29.64
CA LYS C 62 -3.92 -11.58 28.30
C LYS C 62 -4.49 -10.65 27.24
N ARG C 63 -4.29 -9.35 27.40
CA ARG C 63 -4.76 -8.38 26.41
C ARG C 63 -3.63 -7.96 25.46
N LEU C 64 -3.87 -8.09 24.17
CA LEU C 64 -2.89 -7.68 23.16
C LEU C 64 -2.96 -6.18 22.90
N GLU C 65 -1.80 -5.52 22.98
CA GLU C 65 -1.70 -4.10 22.69
C GLU C 65 -0.49 -3.82 21.82
N TRP C 66 -0.73 -3.28 20.63
CA TRP C 66 0.36 -2.90 19.73
C TRP C 66 1.11 -1.71 20.30
N VAL C 67 2.43 -1.80 20.35
CA VAL C 67 3.25 -0.78 21.01
C VAL C 67 3.79 0.24 20.01
N ALA C 68 4.62 -0.22 19.09
CA ALA C 68 5.20 0.66 18.07
C ALA C 68 5.57 -0.10 16.80
N GLU C 69 5.60 0.62 15.68
CA GLU C 69 6.03 0.03 14.41
C GLU C 69 7.23 0.78 13.84
N ILE C 70 8.17 0.05 13.25
CA ILE C 70 9.31 0.65 12.59
C ILE C 70 9.45 0.12 11.17
N SER C 71 9.83 0.99 10.24
CA SER C 71 9.84 0.66 8.82
C SER C 71 11.02 -0.20 8.41
N SER C 72 11.08 -0.50 7.11
CA SER C 72 12.19 -1.24 6.54
C SER C 72 13.51 -0.54 6.81
N GLY C 73 13.53 0.77 6.57
CA GLY C 73 14.72 1.57 6.78
C GLY C 73 14.60 2.47 8.00
N GLY C 74 13.58 2.24 8.80
CA GLY C 74 13.38 2.99 10.03
C GLY C 74 13.07 4.45 9.83
N ARG C 75 12.64 4.80 8.62
CA ARG C 75 12.35 6.19 8.28
C ARG C 75 10.91 6.57 8.61
N TYR C 76 10.08 5.57 8.93
CA TYR C 76 8.71 5.82 9.37
C TYR C 76 8.44 5.09 10.69
N ILE C 77 8.11 5.86 11.72
CA ILE C 77 7.92 5.30 13.07
C ILE C 77 6.55 5.67 13.63
N TYR C 78 5.86 4.67 14.18
CA TYR C 78 4.57 4.92 14.82
C TYR C 78 4.56 4.37 16.25
N TYR C 79 4.01 5.14 17.17
CA TYR C 79 3.89 4.71 18.56
C TYR C 79 2.44 4.79 19.04
N SER C 80 2.08 3.92 19.98
CA SER C 80 0.78 4.04 20.64
C SER C 80 0.82 5.21 21.62
N ASP C 81 -0.34 5.79 21.90
CA ASP C 81 -0.40 6.98 22.75
C ASP C 81 0.00 6.66 24.19
N THR C 82 0.01 5.38 24.53
CA THR C 82 0.33 4.96 25.89
C THR C 82 1.85 4.98 26.13
N VAL C 83 2.62 4.57 25.12
CA VAL C 83 4.08 4.51 25.24
C VAL C 83 4.81 5.71 24.62
N THR C 84 4.08 6.64 24.02
CA THR C 84 4.73 7.70 23.25
C THR C 84 5.48 8.72 24.12
N GLY C 85 6.76 8.91 23.81
CA GLY C 85 7.60 9.81 24.57
C GLY C 85 8.50 9.07 25.56
N ARG C 86 8.08 7.85 25.90
CA ARG C 86 8.84 6.99 26.82
C ARG C 86 9.59 5.92 26.03
N PHE C 87 8.86 5.09 25.30
CA PHE C 87 9.49 4.05 24.50
C PHE C 87 10.09 4.62 23.22
N THR C 88 11.21 4.05 22.79
CA THR C 88 11.83 4.41 21.52
C THR C 88 12.19 3.15 20.76
N ILE C 89 11.64 2.99 19.56
CA ILE C 89 11.91 1.80 18.76
C ILE C 89 13.00 2.09 17.73
N SER C 90 13.98 1.19 17.65
CA SER C 90 15.08 1.38 16.72
C SER C 90 15.35 0.10 15.93
N ARG C 91 16.27 0.19 14.97
CA ARG C 91 16.51 -0.92 14.07
C ARG C 91 17.97 -1.02 13.64
N ASP C 92 18.53 -2.23 13.69
CA ASP C 92 19.87 -2.48 13.17
C ASP C 92 19.74 -3.43 11.98
N ASN C 93 19.93 -2.92 10.77
CA ASN C 93 19.78 -3.74 9.58
C ASN C 93 21.07 -4.44 9.17
N ALA C 94 22.17 -4.01 9.77
CA ALA C 94 23.45 -4.67 9.55
C ALA C 94 23.51 -6.00 10.29
N ARG C 95 23.17 -5.96 11.57
CA ARG C 95 23.24 -7.15 12.43
C ARG C 95 21.90 -7.84 12.58
N ASN C 96 20.87 -7.30 11.93
CA ASN C 96 19.53 -7.88 11.97
C ASN C 96 18.93 -7.96 13.37
N ILE C 97 18.99 -6.86 14.10
CA ILE C 97 18.43 -6.81 15.45
C ILE C 97 17.40 -5.70 15.58
N LEU C 98 16.27 -6.00 16.23
CA LEU C 98 15.26 -5.00 16.53
C LEU C 98 15.35 -4.58 17.99
N HIS C 99 15.12 -3.31 18.27
CA HIS C 99 15.27 -2.80 19.62
C HIS C 99 14.07 -1.98 20.09
N LEU C 100 13.74 -2.13 21.36
CA LEU C 100 12.78 -1.25 22.01
C LEU C 100 13.41 -0.69 23.29
N GLU C 101 13.66 0.62 23.29
CA GLU C 101 14.27 1.27 24.45
C GLU C 101 13.21 1.93 25.32
N MET C 102 13.06 1.42 26.54
CA MET C 102 12.03 1.89 27.44
C MET C 102 12.58 2.79 28.53
N SER C 103 11.80 3.78 28.94
CA SER C 103 12.20 4.70 29.99
C SER C 103 11.00 5.15 30.81
N SER C 104 11.24 5.51 32.07
CA SER C 104 10.17 5.87 32.99
C SER C 104 9.07 4.82 32.94
N LEU C 105 9.47 3.56 33.08
CA LEU C 105 8.54 2.44 33.02
C LEU C 105 7.55 2.51 34.16
N ARG C 106 6.26 2.38 33.83
CA ARG C 106 5.22 2.33 34.86
C ARG C 106 4.81 0.88 35.11
N SER C 107 3.92 0.68 36.07
CA SER C 107 3.56 -0.68 36.47
C SER C 107 2.57 -1.30 35.47
N GLU C 108 1.93 -0.45 34.67
CA GLU C 108 0.99 -0.95 33.68
C GLU C 108 1.72 -1.32 32.40
N ASP C 109 3.05 -1.18 32.41
CA ASP C 109 3.86 -1.60 31.28
C ASP C 109 4.27 -3.06 31.41
N THR C 110 3.92 -3.65 32.55
CA THR C 110 4.18 -5.06 32.79
C THR C 110 3.46 -5.91 31.76
N ALA C 111 4.21 -6.75 31.05
CA ALA C 111 3.66 -7.56 29.98
C ALA C 111 4.73 -8.39 29.31
N MET C 112 4.31 -9.34 28.48
CA MET C 112 5.22 -10.07 27.61
C MET C 112 5.34 -9.33 26.29
N TYR C 113 6.56 -8.97 25.91
CA TYR C 113 6.76 -8.20 24.70
C TYR C 113 7.11 -9.09 23.53
N TYR C 114 6.34 -8.94 22.45
CA TYR C 114 6.51 -9.76 21.26
C TYR C 114 7.20 -8.99 20.15
N CYS C 115 8.12 -9.66 19.47
CA CYS C 115 8.68 -9.15 18.24
C CYS C 115 7.84 -9.70 17.09
N ALA C 116 7.18 -8.80 16.36
CA ALA C 116 6.28 -9.23 15.30
C ALA C 116 6.65 -8.60 13.97
N ARG C 117 6.75 -9.43 12.95
CA ARG C 117 7.05 -8.96 11.61
C ARG C 117 5.80 -8.85 10.74
N GLY C 118 5.62 -7.69 10.13
CA GLY C 118 4.97 -7.66 8.84
C GLY C 118 5.19 -6.36 8.09
N GLU C 119 5.40 -6.51 6.80
CA GLU C 119 5.65 -5.42 5.88
C GLU C 119 4.33 -4.84 5.38
N VAL C 120 3.40 -5.75 5.09
CA VAL C 120 2.16 -5.41 4.42
C VAL C 120 1.00 -5.30 5.41
N ARG C 121 0.37 -4.13 5.45
CA ARG C 121 -0.77 -3.89 6.32
C ARG C 121 -1.95 -4.79 5.95
N GLN C 122 -2.06 -5.13 4.68
CA GLN C 122 -3.15 -5.98 4.19
C GLN C 122 -2.90 -7.44 4.51
N ARG C 123 -1.68 -7.74 4.93
CA ARG C 123 -1.27 -9.08 5.33
C ARG C 123 -1.39 -9.25 6.84
N GLY C 124 -0.72 -8.40 7.59
CA GLY C 124 -0.72 -8.50 9.04
C GLY C 124 0.61 -9.03 9.52
N PHE C 125 0.67 -9.42 10.78
CA PHE C 125 1.94 -9.90 11.32
C PHE C 125 2.02 -11.40 11.06
N ASP C 126 2.88 -11.79 10.14
CA ASP C 126 2.94 -13.16 9.66
C ASP C 126 3.96 -14.01 10.43
N TYR C 127 4.75 -13.38 11.28
CA TYR C 127 5.66 -14.12 12.16
C TYR C 127 5.83 -13.43 13.52
N TRP C 128 5.78 -14.22 14.58
CA TRP C 128 5.99 -13.70 15.93
C TRP C 128 7.14 -14.43 16.62
N GLY C 129 7.75 -13.78 17.59
CA GLY C 129 8.81 -14.40 18.36
C GLY C 129 8.25 -15.14 19.56
N GLN C 130 9.13 -15.61 20.44
CA GLN C 130 8.70 -16.36 21.62
C GLN C 130 8.33 -15.42 22.76
N GLY C 131 8.69 -14.14 22.62
CA GLY C 131 8.36 -13.15 23.62
C GLY C 131 9.38 -13.08 24.74
N THR C 132 9.43 -11.93 25.41
CA THR C 132 10.31 -11.73 26.55
C THR C 132 9.56 -10.93 27.63
N THR C 133 9.63 -11.40 28.87
CA THR C 133 8.76 -10.89 29.93
C THR C 133 9.33 -9.70 30.70
N LEU C 134 8.58 -8.61 30.70
CA LEU C 134 8.93 -7.44 31.48
C LEU C 134 8.01 -7.34 32.69
N THR C 135 8.61 -7.23 33.88
CA THR C 135 7.85 -7.02 35.10
C THR C 135 8.30 -5.75 35.79
N VAL C 136 7.39 -4.79 35.91
CA VAL C 136 7.70 -3.54 36.59
C VAL C 136 7.03 -3.49 37.94
N SER C 137 7.84 -3.60 38.99
CA SER C 137 7.34 -3.60 40.36
C SER C 137 8.38 -2.99 41.29
N SER C 138 7.91 -2.43 42.39
CA SER C 138 8.82 -1.93 43.41
C SER C 138 9.10 -3.05 44.41
N ALA C 139 8.52 -4.21 44.13
CA ALA C 139 8.69 -5.38 44.99
C ALA C 139 10.10 -5.95 44.88
N LYS C 140 10.57 -6.59 45.95
CA LYS C 140 11.93 -7.13 45.97
C LYS C 140 11.93 -8.62 45.65
N THR C 141 12.93 -9.03 44.87
CA THR C 141 13.13 -10.44 44.54
C THR C 141 13.30 -11.30 45.80
N THR C 142 12.51 -12.35 45.92
CA THR C 142 12.66 -13.30 47.02
C THR C 142 12.58 -14.73 46.52
N ALA C 143 13.27 -15.63 47.21
CA ALA C 143 13.30 -17.03 46.83
C ALA C 143 12.16 -17.80 47.49
N PRO C 144 11.60 -18.79 46.77
CA PRO C 144 10.46 -19.58 47.24
C PRO C 144 10.83 -20.58 48.34
N SER C 145 9.89 -20.83 49.24
CA SER C 145 10.02 -21.94 50.17
C SER C 145 9.28 -23.14 49.58
N VAL C 146 10.03 -24.15 49.18
CA VAL C 146 9.41 -25.34 48.58
C VAL C 146 9.05 -26.34 49.65
N TYR C 147 7.79 -26.77 49.67
CA TYR C 147 7.34 -27.75 50.66
C TYR C 147 6.76 -28.98 49.99
N PRO C 148 7.08 -30.16 50.53
CA PRO C 148 6.48 -31.41 50.08
C PRO C 148 5.08 -31.57 50.64
N LEU C 149 4.17 -32.16 49.87
CA LEU C 149 2.85 -32.45 50.39
C LEU C 149 2.64 -33.97 50.46
N ALA C 150 2.72 -34.50 51.67
CA ALA C 150 2.41 -35.91 51.92
C ALA C 150 0.96 -36.06 52.33
N PRO C 151 0.34 -37.18 51.91
CA PRO C 151 -1.04 -37.49 52.32
C PRO C 151 -1.17 -37.77 53.82
N VAL C 152 -2.37 -38.09 54.26
CA VAL C 152 -2.63 -38.35 55.68
C VAL C 152 -2.77 -39.84 55.92
N CYS C 153 -2.37 -40.30 57.11
CA CYS C 153 -2.39 -41.73 57.43
C CYS C 153 -3.80 -42.31 57.34
N GLY C 154 -3.97 -43.33 56.50
CA GLY C 154 -5.24 -43.98 56.30
C GLY C 154 -6.09 -43.22 55.31
N ASP C 155 -6.94 -43.92 54.56
CA ASP C 155 -7.01 -45.38 54.61
C ASP C 155 -6.08 -46.01 53.56
N THR C 156 -5.29 -45.17 52.89
CA THR C 156 -4.30 -45.61 51.91
C THR C 156 -4.89 -46.26 50.64
N THR C 157 -5.89 -45.62 50.06
CA THR C 157 -6.45 -46.06 48.78
C THR C 157 -5.41 -45.99 47.64
N GLY C 158 -5.40 -46.99 46.76
CA GLY C 158 -6.56 -47.87 46.62
C GLY C 158 -7.72 -47.28 45.84
N SER C 159 -7.55 -47.05 44.54
CA SER C 159 -6.40 -47.54 43.78
C SER C 159 -5.15 -46.66 43.75
N SER C 160 -5.33 -45.37 43.51
CA SER C 160 -4.21 -44.50 43.17
C SER C 160 -4.00 -43.40 44.20
N VAL C 161 -2.78 -42.88 44.28
CA VAL C 161 -2.44 -41.87 45.26
C VAL C 161 -1.95 -40.57 44.60
N THR C 162 -2.25 -39.45 45.24
CA THR C 162 -1.85 -38.14 44.73
C THR C 162 -0.93 -37.41 45.71
N LEU C 163 0.25 -37.05 45.23
CA LEU C 163 1.20 -36.29 46.04
C LEU C 163 1.17 -34.83 45.62
N GLY C 164 1.95 -34.00 46.31
CA GLY C 164 1.94 -32.57 46.02
C GLY C 164 3.22 -31.83 46.40
N CYS C 165 3.40 -30.68 45.77
CA CYS C 165 4.54 -29.82 46.06
C CYS C 165 4.08 -28.37 46.14
N LEU C 166 4.45 -27.67 47.21
CA LEU C 166 3.99 -26.30 47.42
C LEU C 166 5.13 -25.29 47.32
N VAL C 167 5.08 -24.46 46.28
CA VAL C 167 6.06 -23.39 46.10
C VAL C 167 5.45 -22.07 46.55
N LYS C 168 5.92 -21.53 47.67
CA LYS C 168 5.24 -20.41 48.30
C LYS C 168 6.13 -19.19 48.56
N GLY C 169 5.56 -18.00 48.38
CA GLY C 169 6.22 -16.76 48.74
C GLY C 169 7.44 -16.38 47.92
N TYR C 170 7.30 -16.37 46.61
CA TYR C 170 8.43 -16.04 45.73
C TYR C 170 8.10 -14.89 44.79
N PHE C 171 9.13 -14.33 44.18
CA PHE C 171 8.99 -13.18 43.29
C PHE C 171 10.34 -12.80 42.70
N PRO C 172 10.36 -12.44 41.40
CA PRO C 172 9.23 -12.46 40.48
C PRO C 172 9.08 -13.80 39.77
N GLU C 173 8.16 -13.88 38.83
CA GLU C 173 8.07 -15.04 37.93
C GLU C 173 9.28 -15.06 37.01
N PRO C 174 9.55 -16.21 36.37
CA PRO C 174 8.87 -17.50 36.52
C PRO C 174 9.55 -18.46 37.50
N VAL C 175 8.97 -19.64 37.66
CA VAL C 175 9.62 -20.75 38.35
C VAL C 175 9.52 -22.00 37.48
N THR C 176 10.54 -22.86 37.56
CA THR C 176 10.55 -24.11 36.81
C THR C 176 10.29 -25.29 37.74
N LEU C 177 9.18 -25.97 37.53
CA LEU C 177 8.82 -27.12 38.36
C LEU C 177 8.65 -28.39 37.53
N THR C 178 9.51 -29.36 37.78
CA THR C 178 9.41 -30.68 37.15
C THR C 178 9.38 -31.76 38.22
N TRP C 179 8.79 -32.90 37.89
CA TRP C 179 8.77 -34.03 38.82
C TRP C 179 9.79 -35.07 38.42
N ASN C 180 10.63 -35.46 39.37
CA ASN C 180 11.73 -36.40 39.13
C ASN C 180 12.57 -35.97 37.94
N SER C 181 13.03 -34.72 37.97
CA SER C 181 13.85 -34.13 36.90
C SER C 181 13.16 -34.23 35.55
N GLY C 182 11.83 -34.21 35.55
CA GLY C 182 11.06 -34.19 34.33
C GLY C 182 10.79 -35.56 33.74
N SER C 183 11.24 -36.60 34.44
CA SER C 183 11.13 -37.97 33.92
C SER C 183 9.67 -38.42 33.80
N LEU C 184 8.85 -38.05 34.78
CA LEU C 184 7.42 -38.39 34.72
C LEU C 184 6.56 -37.13 34.57
N SER C 185 6.03 -36.93 33.37
CA SER C 185 5.16 -35.79 33.10
C SER C 185 3.67 -36.14 33.10
N SER C 186 3.34 -37.42 33.28
CA SER C 186 1.96 -37.86 33.14
C SER C 186 1.20 -37.85 34.46
N GLY C 187 -0.02 -37.32 34.44
CA GLY C 187 -0.84 -37.24 35.62
C GLY C 187 -0.44 -36.09 36.53
N VAL C 188 0.27 -35.12 35.95
CA VAL C 188 0.79 -34.00 36.72
C VAL C 188 0.06 -32.70 36.40
N HIS C 189 -0.53 -32.09 37.42
CA HIS C 189 -1.13 -30.76 37.29
C HIS C 189 -0.29 -29.72 38.01
N THR C 190 0.39 -28.86 37.24
CA THR C 190 1.12 -27.74 37.84
C THR C 190 0.32 -26.47 37.68
N PHE C 191 -0.19 -25.96 38.79
CA PHE C 191 -1.09 -24.82 38.78
C PHE C 191 -0.35 -23.51 38.57
N PRO C 192 -0.94 -22.60 37.79
CA PRO C 192 -0.36 -21.27 37.56
C PRO C 192 -0.27 -20.48 38.87
N ALA C 193 0.81 -19.72 39.03
CA ALA C 193 1.03 -18.97 40.25
C ALA C 193 0.05 -17.81 40.40
N VAL C 194 -0.29 -17.48 41.64
CA VAL C 194 -1.16 -16.35 41.91
C VAL C 194 -0.45 -15.33 42.80
N LEU C 195 -0.50 -14.06 42.39
CA LEU C 195 0.16 -13.00 43.15
C LEU C 195 -0.71 -12.50 44.30
N GLN C 196 -0.18 -12.57 45.51
CA GLN C 196 -0.84 -12.00 46.68
C GLN C 196 0.17 -11.27 47.55
N SER C 197 -0.06 -9.98 47.78
CA SER C 197 0.82 -9.13 48.56
C SER C 197 2.28 -9.21 48.09
N ASP C 198 2.49 -9.01 46.80
CA ASP C 198 3.84 -8.97 46.22
C ASP C 198 4.61 -10.27 46.37
N LEU C 199 3.89 -11.38 46.52
CA LEU C 199 4.52 -12.69 46.60
C LEU C 199 3.69 -13.74 45.86
N TYR C 200 4.35 -14.54 45.04
CA TYR C 200 3.68 -15.62 44.32
C TYR C 200 3.63 -16.90 45.14
N THR C 201 2.51 -17.62 45.02
CA THR C 201 2.41 -18.96 45.58
C THR C 201 2.00 -19.93 44.47
N LEU C 202 2.74 -21.03 44.35
CA LEU C 202 2.49 -22.00 43.30
C LEU C 202 2.43 -23.41 43.87
N SER C 203 1.59 -24.25 43.29
CA SER C 203 1.48 -25.63 43.75
C SER C 203 1.38 -26.59 42.56
N SER C 204 1.85 -27.81 42.75
CA SER C 204 1.74 -28.84 41.73
C SER C 204 1.32 -30.17 42.34
N SER C 205 0.40 -30.85 41.67
CA SER C 205 -0.05 -32.17 42.12
C SER C 205 0.29 -33.23 41.08
N VAL C 206 0.74 -34.38 41.56
CA VAL C 206 1.04 -35.51 40.68
C VAL C 206 0.38 -36.77 41.23
N THR C 207 -0.31 -37.50 40.36
CA THR C 207 -1.02 -38.71 40.77
C THR C 207 -0.37 -39.97 40.20
N VAL C 208 -0.03 -40.89 41.10
CA VAL C 208 0.58 -42.15 40.69
C VAL C 208 -0.14 -43.33 41.34
N THR C 209 0.09 -44.52 40.82
CA THR C 209 -0.49 -45.74 41.39
C THR C 209 0.12 -46.00 42.77
N SER C 210 -0.70 -46.52 43.68
CA SER C 210 -0.24 -46.81 45.04
C SER C 210 0.86 -47.87 45.01
N SER C 211 1.00 -48.54 43.88
CA SER C 211 2.05 -49.53 43.69
C SER C 211 3.41 -48.86 43.54
N THR C 212 3.43 -47.70 42.89
CA THR C 212 4.68 -47.01 42.58
C THR C 212 5.13 -46.05 43.67
N TRP C 213 4.29 -45.82 44.68
CA TRP C 213 4.68 -44.97 45.80
C TRP C 213 4.15 -45.51 47.13
N PRO C 214 4.95 -45.40 48.19
CA PRO C 214 6.34 -44.91 48.08
C PRO C 214 7.33 -46.02 47.75
N SER C 215 7.06 -46.81 46.71
CA SER C 215 7.99 -47.84 46.28
C SER C 215 9.24 -47.19 45.69
N GLN C 216 9.04 -46.33 44.69
CA GLN C 216 10.13 -45.55 44.12
C GLN C 216 10.10 -44.13 44.68
N SER C 217 11.06 -43.32 44.27
CA SER C 217 11.18 -41.97 44.80
C SER C 217 10.41 -40.95 43.97
N ILE C 218 9.74 -40.03 44.66
CA ILE C 218 9.09 -38.89 44.02
C ILE C 218 9.68 -37.60 44.58
N THR C 219 10.24 -36.78 43.70
CA THR C 219 10.87 -35.53 44.13
C THR C 219 10.38 -34.34 43.33
N CYS C 220 10.01 -33.28 44.04
CA CYS C 220 9.61 -32.03 43.42
C CYS C 220 10.85 -31.20 43.09
N ASN C 221 11.03 -30.86 41.82
CA ASN C 221 12.20 -30.10 41.38
C ASN C 221 11.84 -28.67 41.05
N VAL C 222 12.28 -27.74 41.89
CA VAL C 222 11.93 -26.33 41.72
C VAL C 222 13.15 -25.47 41.40
N ALA C 223 13.00 -24.64 40.37
CA ALA C 223 14.08 -23.73 39.98
C ALA C 223 13.55 -22.30 39.90
N HIS C 224 14.15 -21.42 40.69
CA HIS C 224 13.84 -19.99 40.63
C HIS C 224 15.10 -19.18 40.36
N PRO C 225 15.48 -19.06 39.08
CA PRO C 225 16.70 -18.39 38.63
C PRO C 225 16.85 -16.96 39.14
N ALA C 226 15.74 -16.23 39.26
CA ALA C 226 15.78 -14.84 39.71
C ALA C 226 16.48 -14.71 41.04
N SER C 227 16.15 -15.61 41.97
CA SER C 227 16.80 -15.65 43.27
C SER C 227 17.95 -16.66 43.25
N SER C 228 18.21 -17.23 42.07
CA SER C 228 19.24 -18.23 41.89
C SER C 228 19.04 -19.42 42.84
N THR C 229 17.78 -19.82 42.99
CA THR C 229 17.41 -20.95 43.82
C THR C 229 17.21 -22.22 42.98
N LYS C 230 17.81 -23.31 43.42
CA LYS C 230 17.53 -24.62 42.83
C LYS C 230 17.35 -25.65 43.93
N VAL C 231 16.15 -26.21 44.02
CA VAL C 231 15.82 -27.09 45.14
C VAL C 231 15.11 -28.36 44.71
N ASP C 232 15.53 -29.49 45.30
CA ASP C 232 14.84 -30.76 45.12
C ASP C 232 14.23 -31.19 46.44
N LYS C 233 12.97 -31.61 46.40
CA LYS C 233 12.27 -32.04 47.61
C LYS C 233 11.64 -33.42 47.43
N LYS C 234 12.10 -34.39 48.20
CA LYS C 234 11.54 -35.74 48.17
C LYS C 234 10.37 -35.87 49.14
N ILE C 235 9.33 -36.58 48.72
CA ILE C 235 8.12 -36.73 49.54
C ILE C 235 8.17 -38.01 50.38
N GLU C 236 8.13 -37.85 51.70
CA GLU C 236 8.13 -38.99 52.62
C GLU C 236 6.90 -38.92 53.52
N PRO C 237 6.31 -40.09 53.81
CA PRO C 237 5.05 -40.22 54.56
C PRO C 237 5.18 -39.98 56.06
N ARG C 238 5.74 -38.84 56.45
CA ARG C 238 5.91 -38.51 57.86
C ARG C 238 4.57 -38.41 58.57
C1 GLC D . -14.82 34.47 -38.92
C2 GLC D . -15.19 33.01 -38.65
C3 GLC D . -15.08 32.19 -39.94
C4 GLC D . -15.92 32.85 -41.02
C5 GLC D . -15.33 34.23 -41.24
C6 GLC D . -15.97 34.93 -42.43
O1 GLC D . -13.43 34.57 -39.12
O2 GLC D . -14.34 32.51 -37.66
O3 GLC D . -15.46 30.84 -39.75
O4 GLC D . -15.91 32.10 -42.21
O5 GLC D . -15.50 34.98 -40.06
O6 GLC D . -15.48 36.25 -42.52
H1 GLC D . -15.09 35.06 -38.05
H2 GLC D . -16.22 32.98 -38.30
H3 GLC D . -14.06 32.23 -40.29
H4 GLC D . -16.95 32.93 -40.65
H5 GLC D . -14.26 34.11 -41.44
H61 GLC D . -15.75 34.37 -43.34
H62 GLC D . -17.05 34.95 -42.30
HO1 GLC D . -12.97 34.39 -38.27
HO2 GLC D . -13.42 32.48 -37.99
HO3 GLC D . -16.41 30.80 -39.50
HO6 GLC D . -15.29 36.46 -43.47
C1 GLC D . -17.10 32.02 -42.98
C2 GLC D . -17.70 30.63 -42.84
C3 GLC D . -18.25 30.14 -44.18
C4 GLC D . -18.93 31.32 -44.85
C5 GLC D . -17.85 32.33 -45.24
C6 GLC D . -18.40 33.73 -45.38
O2 GLC D . -16.72 29.73 -42.33
O3 GLC D . -19.14 29.06 -44.02
O4 GLC D . -19.65 30.88 -45.98
O5 GLC D . -16.77 32.30 -44.32
O6 GLC D . -17.37 34.65 -45.10
H1 GLC D . -17.81 32.77 -42.62
H2 GLC D . -18.54 30.68 -42.15
H3 GLC D . -17.40 29.83 -44.80
H4 GLC D . -19.63 31.76 -44.13
H5 GLC D . -17.45 32.02 -46.20
H61 GLC D . -19.25 33.86 -44.71
H62 GLC D . -18.76 33.89 -46.40
HO2 GLC D . -15.91 29.82 -42.87
HO3 GLC D . -18.67 28.31 -43.59
HO4 GLC D . -20.29 31.57 -46.25
HO6 GLC D . -17.68 35.31 -44.44
CAA Y01 E . -6.47 -1.93 -23.69
CBA Y01 E . -5.85 -2.93 -24.67
CAB Y01 E . -6.69 -3.06 -25.97
CAN Y01 E . -4.39 -2.54 -25.00
CAJ Y01 E . -3.35 -3.30 -24.13
CAO Y01 E . -3.78 -3.44 -22.63
CBB Y01 E . -2.92 -4.56 -21.86
CAC Y01 E . -2.33 -5.55 -22.90
CBE Y01 E . -1.89 -3.98 -21.20
CAP Y01 E . -2.34 -2.57 -20.47
CAQ Y01 E . -1.39 -2.46 -19.22
CBG Y01 E . -0.62 -3.86 -19.07
CBI Y01 E . -1.40 -4.87 -19.91
CAE Y01 E . -2.65 -5.15 -19.12
CAU Y01 E . -0.74 -6.11 -20.03
CAS Y01 E . -0.40 -6.72 -18.54
CBF Y01 E . 0.40 -5.75 -17.71
CBD Y01 E . -0.19 -4.38 -17.68
CAK Y01 E . 0.84 -3.33 -17.03
CAI Y01 E . 1.38 -3.79 -15.73
CAZ Y01 E . 0.91 -5.33 -15.18
CAV Y01 E . 1.17 -5.71 -13.75
CBH Y01 E . 0.62 -6.35 -16.14
CAD Y01 E . -0.69 -7.06 -15.71
CAT Y01 E . 1.74 -7.36 -16.17
CAR Y01 E . 1.91 -7.98 -14.75
CBC Y01 E . 2.06 -6.93 -13.62
OAW Y01 E . 1.69 -7.54 -12.39
CAY Y01 E . 2.78 -7.99 -11.58
OAG Y01 E . 3.92 -7.92 -11.99
CAM Y01 E . 2.48 -8.56 -10.18
CAL Y01 E . 3.37 -7.96 -9.11
CAX Y01 E . 2.57 -7.13 -8.13
OAH Y01 E . 3.18 -6.35 -7.34
OAF Y01 E . 1.31 -7.21 -8.11
C8 P4G F . 11.34 7.77 -33.53
C7 P4G F . 12.33 8.37 -32.57
O4 P4G F . 11.68 9.30 -31.72
C6 P4G F . 12.54 9.89 -30.73
C5 P4G F . 12.73 11.36 -31.04
O3 P4G F . 11.78 12.15 -30.31
C4 P4G F . 11.06 13.11 -31.07
C3 P4G F . 9.66 12.55 -31.47
O2 P4G F . 8.63 13.27 -30.77
C2 P4G F . 7.37 12.62 -30.78
C1 P4G F . 6.28 13.64 -30.57
H81 P4G F . 10.96 8.47 -34.08
H82 P4G F . 10.63 7.33 -33.03
H83 P4G F . 11.81 7.12 -34.10
H71 P4G F . 12.73 7.67 -32.04
H72 P4G F . 13.01 8.82 -33.07
H61 P4G F . 12.14 9.79 -29.84
H62 P4G F . 13.41 9.43 -30.74
H51 P4G F . 13.64 11.64 -30.79
H52 P4G F . 12.60 11.51 -32.01
H41 P4G F . 10.95 13.93 -30.55
H42 P4G F . 11.58 13.31 -31.90
H31 P4G F . 9.52 12.65 -32.45
H32 P4G F . 9.61 11.59 -31.23
H21 P4G F . 7.24 12.18 -31.65
H22 P4G F . 7.33 11.95 -30.07
H11 P4G F . 6.27 14.27 -31.32
H12 P4G F . 5.41 13.18 -30.53
H13 P4G F . 6.44 14.13 -29.74
C8 P4G G . 18.81 26.91 -7.64
C7 P4G G . 19.60 26.51 -8.85
O4 P4G G . 19.87 27.65 -9.67
C6 P4G G . 20.93 27.41 -10.63
C5 P4G G . 20.63 28.17 -11.91
O3 P4G G . 21.72 29.09 -12.21
C4 P4G G . 22.52 28.73 -13.33
C3 P4G G . 21.68 28.65 -14.64
O2 P4G G . 22.39 29.29 -15.73
C2 P4G G . 23.15 28.42 -16.57
C1 P4G G . 23.38 29.09 -17.90
H81 P4G G . 19.32 27.57 -7.13
H82 P4G G . 18.65 26.12 -7.08
H83 P4G G . 17.96 27.30 -7.92
H71 P4G G . 20.43 26.11 -8.57
H72 P4G G . 19.10 25.88 -9.35
H61 P4G G . 21.78 27.72 -10.26
H62 P4G G . 20.98 26.45 -10.83
H51 P4G G . 20.52 27.54 -12.65
H52 P4G G . 19.80 28.69 -11.79
H41 P4G G . 23.23 29.40 -13.44
H42 P4G G . 22.93 27.84 -13.16
H31 P4G G . 21.52 27.70 -14.88
H32 P4G G . 20.81 29.11 -14.51
H21 P4G G . 24.02 28.22 -16.14
H22 P4G G . 22.65 27.58 -16.71
H11 P4G G . 23.85 28.47 -18.50
H12 P4G G . 22.52 29.34 -18.30
H13 P4G G . 23.93 29.88 -17.77
C1 CLR H . -15.95 5.67 -13.11
C2 CLR H . -15.68 6.10 -11.67
C3 CLR H . -14.22 5.83 -11.33
C4 CLR H . -13.36 6.73 -12.19
C5 CLR H . -13.71 6.63 -13.65
C6 CLR H . -12.71 6.75 -14.55
C7 CLR H . -12.79 6.19 -15.94
C8 CLR H . -14.20 6.31 -16.46
C9 CLR H . -15.18 5.71 -15.46
C10 CLR H . -15.15 6.46 -14.13
C11 CLR H . -16.60 5.63 -16.03
C12 CLR H . -16.67 4.91 -17.38
C13 CLR H . -15.72 5.60 -18.35
C14 CLR H . -14.32 5.53 -17.76
C15 CLR H . -13.39 5.92 -18.89
C16 CLR H . -14.07 5.34 -20.13
C17 CLR H . -15.48 4.93 -19.69
C18 CLR H . -16.14 7.04 -18.56
C19 CLR H . -15.74 7.85 -14.30
C20 CLR H . -16.49 5.24 -20.80
C21 CLR H . -17.92 4.98 -20.34
C22 CLR H . -16.13 4.39 -22.01
C23 CLR H . -17.03 4.61 -23.22
C24 CLR H . -16.85 3.46 -24.20
C25 CLR H . -17.23 3.83 -25.63
C26 CLR H . -17.11 2.61 -26.54
C27 CLR H . -16.37 4.98 -26.15
O1 CLR H . -13.97 6.06 -9.94
C1 COC I . 3.27 17.74 -26.43
O5 COC I . 3.39 16.77 -25.37
C6 COC I . 2.18 15.99 -25.19
O7 COC I . 1.33 16.00 -26.06
C8 COC I . 1.99 15.20 -23.94
C10 COC I . 1.56 13.83 -24.28
N12 COC I . 0.33 13.76 -24.74
C14 COC I . 0.12 12.45 -25.35
C18 COC I . 1.44 13.02 -22.95
C21 COC I . 0.00 13.11 -22.63
C24 COC I . -0.56 13.96 -23.80
C26 COC I . -0.64 15.39 -23.33
C29 COC I . 0.82 16.00 -23.02
O1 COC I . 0.83 17.22 -23.36
C2 COC I . 1.65 18.11 -22.52
O3 COC I . 2.51 17.65 -21.79
C4 COC I . 1.42 19.60 -22.57
C5 COC I . 2.28 20.46 -21.91
C7 COC I . 2.05 21.81 -21.98
C9 COC I . 0.97 22.30 -22.70
C11 COC I . 0.14 21.44 -23.35
C13 COC I . 0.36 20.09 -23.29
NA NA J . -1.95 9.52 -25.16
NA NA K . -6.06 15.63 -23.25
CL CL L . -1.54 5.17 -27.09
#